data_9B89
#
_entry.id   9B89
#
_cell.length_a   1.00
_cell.length_b   1.00
_cell.length_c   1.00
_cell.angle_alpha   90.00
_cell.angle_beta   90.00
_cell.angle_gamma   90.00
#
_symmetry.space_group_name_H-M   'P 1'
#
loop_
_entity.id
_entity.type
_entity.pdbx_description
1 polymer 'Maltodextrin-binding protein,Double-stranded RNA-specific adenosine deaminase'
2 polymer 'RNA (71-MER)'
3 non-polymer 'INOSITOL HEXAKISPHOSPHATE'
4 non-polymer 'ZINC ION'
#
loop_
_entity_poly.entity_id
_entity_poly.type
_entity_poly.pdbx_seq_one_letter_code
_entity_poly.pdbx_strand_id
1 'polypeptide(L)'
;MKIEEGKLVIWINGDKGYNGLAEVGKKFEKDTGIKVTVEHPDKLEEKFPQVAATGDGPDIIFWAHDRFGGYAQSGLLAEI
TPDKAFQDKLYPFTWDAVRYNGKLIAYPIAVEALSLIYNKDLLPNPPKTWEEIPALDKELKAKGKSALMFNLQEPYFTWP
LIAADGGYAFKYENGKYDIKDVGVDNAGAKAGLTFLVDLIKNKHMNADTDYSIAEAAFNKGETAMTINGPWAWSNIDTSK
VNYGVTVLPTFKGQPSKPFVGVLSAGINAASPNKELAKEFLENYLLTDEGLEAVNKDKPLGAVALKSYEEELAKDPRIAA
TMENAQKGEIMPNIPQMSAFWYAVRTAVINAASGRQTVDEALKDAQTNSSSNNNNNNNNNNLGLEVLFQGPVSSHFQELS
IYQDQEQRILKFLEELGEGKATTAHDLSGKLGTPKKEINRVLYSLAKKGKLQKEAGTPPLWKIAVSTQAWNQHSGVVRPD
GHSQGAPNSDPSLEPEDRNSTSVSEDLLEPFIAVSAQAWNQHSGVVRPDSHSQGSPNSDPGLEPEDSNSTSALEDPLEFL
DMAEIKEKICDYLFNVSDSSALNLAKNIGLTKARDINAVLIDMERQGDVYRQGTTPPIWHLTDKKRERMQIKRNTNSVPE
TAPAAIPETKRNAEFLTCNIPTSNASNNMVTTEKVENGQEPVIKLENRQEARPEPARLKPPVHYNGPSKAGYVDFENGQW
ATDDIPDDLNSIRAAPGEFRAIMEMPSFYSHGLPRCSPYKKLTECQLKNPISGLLEYAQFASQTCEFNMIEQSGPPHEPR
FKFQVVINGREFPPAEAGSKKVAKQDAAMKAMTILLEEAKAKDSGKSEESSHYSTEKESEKTAESQTPTPSATSFFSGKS
PVTTLLECMHKLGNSCEFRLLSKEGPAHEPKFQYCVAVGAQTFPSVSAPSKKVAKQMAAEEAMKALHGEATNSMASDNQP
EGMISESLDNLESMMPNKVRKIGELVRYLNTNPVGGLLEYARSHGFAAEFKLVDQSGPPHEPKFVYQAKVGGRWFPAVCA
HSKKQGKQEAADAALRVLIGENEKAERMGFTEVTPVTGASLRRTMLLLSRSPEAQPKTLPLTGSTFHDQIAMLSHRCFNT
LTNSFQPSLLGRKILAAIIMKKDSEDMGVVVSLGTGNRCVKGDSLSLKGETVNDCHAEIISRRGFIRFLYSELMKYNSQT
AKDSIFEPAKGGEKLQIKKTVSFHLYISTAPCGDGALFDKSCSDRAMESTESRHYPVFENPKQGKLRTKVENGEGTIPVE
SSDIVPTWDGIRLGERLRTMSCSDKILRWNVLGLQGALLTHFLQPIYLKSVTLGYLFSQGHLTRAICCRVTRDGSAFEDG
LRHPFIVNHPKVGRVSIYDSKRQSGKTKETSVNWCLADGYDLEILDGTRGTVDGPRNELSRVSKKNIFLLFKKLCSFRYR
RDLLRLSYGEAKKAARDYETAKNYFKKGLKDMGYGNWISKPQEEKNFYLCPV
;
A,B
2 'polyribonucleotide' GGGCU(8AZ)UUCGUUUUCCUAUUGAGCAUAGCCGCUUCUUCGGCUAUGCUCAAUACUAUAGGAAAAUGAACAGU C
#
# COMPACT_ATOMS: atom_id res chain seq x y z
N ALA A 1008 -3.17 8.06 29.06
CA ALA A 1008 -3.49 9.35 29.65
C ALA A 1008 -4.86 9.83 29.18
N GLU A 1009 -5.52 10.62 30.03
CA GLU A 1009 -6.82 11.20 29.69
C GLU A 1009 -6.86 12.65 30.14
N PHE A 1010 -7.46 13.50 29.32
CA PHE A 1010 -7.77 14.87 29.72
C PHE A 1010 -9.29 15.04 29.75
N LYS A 1011 -9.85 15.08 30.95
CA LYS A 1011 -11.30 15.19 31.09
C LYS A 1011 -11.71 16.65 31.12
N LEU A 1012 -12.58 17.02 30.19
CA LEU A 1012 -13.31 18.28 30.27
C LEU A 1012 -14.34 18.16 31.39
N VAL A 1013 -13.95 18.61 32.58
CA VAL A 1013 -14.83 18.52 33.74
C VAL A 1013 -16.06 19.38 33.53
N ASP A 1014 -15.86 20.60 33.04
CA ASP A 1014 -16.94 21.56 32.99
C ASP A 1014 -16.65 22.60 31.92
N GLN A 1015 -17.70 23.04 31.24
CA GLN A 1015 -17.66 24.20 30.37
C GLN A 1015 -18.67 25.21 30.87
N SER A 1016 -18.27 26.48 30.95
CA SER A 1016 -19.21 27.51 31.36
C SER A 1016 -18.91 28.80 30.61
N GLY A 1017 -19.77 29.79 30.83
CA GLY A 1017 -19.51 31.15 30.43
C GLY A 1017 -20.06 31.44 29.05
N PRO A 1018 -20.10 32.71 28.66
CA PRO A 1018 -20.64 33.07 27.34
C PRO A 1018 -19.69 32.64 26.24
N PRO A 1019 -20.17 32.50 25.01
CA PRO A 1019 -19.28 31.99 23.95
C PRO A 1019 -18.04 32.83 23.72
N HIS A 1020 -18.08 34.15 23.91
CA HIS A 1020 -16.87 34.95 23.65
C HIS A 1020 -15.88 34.95 24.81
N GLU A 1021 -16.25 34.44 26.00
CA GLU A 1021 -15.30 34.38 27.10
C GLU A 1021 -15.58 33.16 27.95
N PRO A 1022 -15.45 31.96 27.38
CA PRO A 1022 -15.80 30.77 28.12
C PRO A 1022 -14.72 30.44 29.10
N LYS A 1023 -15.09 29.61 30.07
CA LYS A 1023 -14.16 29.08 31.05
C LYS A 1023 -14.29 27.57 31.00
N PHE A 1024 -13.17 26.89 30.88
CA PHE A 1024 -13.14 25.43 30.83
C PHE A 1024 -12.46 24.94 32.08
N VAL A 1025 -12.90 23.78 32.55
CA VAL A 1025 -12.34 23.15 33.75
C VAL A 1025 -11.95 21.73 33.36
N TYR A 1026 -10.64 21.47 33.40
CA TYR A 1026 -10.02 20.23 32.94
C TYR A 1026 -9.31 19.50 34.08
N GLN A 1027 -9.22 18.18 33.93
CA GLN A 1027 -8.56 17.29 34.89
C GLN A 1027 -7.79 16.21 34.13
N ALA A 1028 -6.53 16.01 34.51
CA ALA A 1028 -5.72 14.93 33.94
C ALA A 1028 -5.90 13.64 34.73
N LYS A 1029 -6.02 12.51 34.02
CA LYS A 1029 -6.08 11.19 34.63
C LYS A 1029 -5.14 10.20 33.96
N VAL A 1030 -4.34 9.50 34.75
CA VAL A 1030 -3.42 8.48 34.24
C VAL A 1030 -3.73 7.15 34.91
N GLY A 1031 -4.19 6.18 34.13
CA GLY A 1031 -4.59 4.88 34.67
C GLY A 1031 -5.67 5.06 35.71
N GLY A 1032 -5.29 4.91 36.97
CA GLY A 1032 -6.20 5.10 38.08
C GLY A 1032 -5.92 6.30 38.96
N ARG A 1033 -5.03 7.21 38.56
CA ARG A 1033 -4.64 8.33 39.40
C ARG A 1033 -5.15 9.63 38.79
N TRP A 1034 -5.87 10.42 39.59
CA TRP A 1034 -6.43 11.70 39.17
C TRP A 1034 -5.62 12.86 39.73
N PHE A 1035 -5.63 13.99 39.00
CA PHE A 1035 -4.76 15.11 39.34
C PHE A 1035 -5.56 16.41 39.55
N PRO A 1036 -4.94 17.50 40.02
CA PRO A 1036 -5.69 18.75 40.25
C PRO A 1036 -6.48 19.22 39.04
N ALA A 1037 -7.73 19.58 39.28
CA ALA A 1037 -8.56 20.23 38.28
C ALA A 1037 -8.18 21.70 38.14
N VAL A 1038 -8.26 22.21 36.91
CA VAL A 1038 -7.78 23.55 36.58
C VAL A 1038 -8.83 24.31 35.75
N CYS A 1039 -8.84 25.64 35.96
CA CYS A 1039 -9.59 26.59 35.14
C CYS A 1039 -8.68 27.15 34.05
N ALA A 1040 -9.20 27.24 32.83
CA ALA A 1040 -8.44 27.84 31.74
C ALA A 1040 -9.38 28.49 30.74
N HIS A 1041 -8.80 29.35 29.90
CA HIS A 1041 -9.53 30.14 28.93
C HIS A 1041 -9.76 29.44 27.61
N SER A 1042 -8.89 28.49 27.24
CA SER A 1042 -9.06 27.72 26.03
C SER A 1042 -8.86 26.25 26.34
N LYS A 1043 -9.40 25.39 25.47
CA LYS A 1043 -9.22 23.95 25.65
C LYS A 1043 -7.75 23.60 25.65
N LYS A 1044 -7.00 24.12 24.67
CA LYS A 1044 -5.57 23.84 24.63
C LYS A 1044 -4.93 24.18 25.97
N GLN A 1045 -5.13 25.42 26.44
CA GLN A 1045 -4.52 25.82 27.71
C GLN A 1045 -5.11 25.05 28.89
N GLY A 1046 -6.36 24.60 28.78
CA GLY A 1046 -6.89 23.69 29.78
C GLY A 1046 -6.05 22.44 29.90
N LYS A 1047 -5.81 21.78 28.77
CA LYS A 1047 -4.96 20.59 28.76
C LYS A 1047 -3.54 20.91 29.25
N GLN A 1048 -2.96 22.02 28.78
CA GLN A 1048 -1.61 22.39 29.20
C GLN A 1048 -1.53 22.54 30.71
N GLU A 1049 -2.50 23.23 31.32
CA GLU A 1049 -2.46 23.46 32.76
C GLU A 1049 -2.77 22.18 33.55
N ALA A 1050 -3.66 21.35 33.03
CA ALA A 1050 -3.94 20.06 33.67
C ALA A 1050 -2.68 19.20 33.68
N ALA A 1051 -2.06 19.04 32.52
CA ALA A 1051 -0.77 18.33 32.43
C ALA A 1051 0.24 18.91 33.40
N ASP A 1052 0.38 20.24 33.39
CA ASP A 1052 1.34 20.93 34.24
C ASP A 1052 1.12 20.55 35.71
N ALA A 1053 -0.14 20.56 36.15
CA ALA A 1053 -0.44 20.24 37.54
C ALA A 1053 -0.09 18.79 37.85
N ALA A 1054 -0.47 17.88 36.95
CA ALA A 1054 -0.13 16.47 37.12
C ALA A 1054 1.38 16.28 37.26
N LEU A 1055 2.14 16.94 36.38
CA LEU A 1055 3.60 16.84 36.40
C LEU A 1055 4.18 17.34 37.71
N ARG A 1056 3.70 18.49 38.19
CA ARG A 1056 4.18 18.99 39.47
C ARG A 1056 3.89 17.99 40.57
N VAL A 1057 2.71 17.35 40.52
CA VAL A 1057 2.36 16.37 41.54
C VAL A 1057 3.34 15.20 41.51
N LEU A 1058 3.55 14.67 40.26
CA LEU A 1058 4.37 13.44 40.06
C LEU A 1058 5.59 13.46 39.18
N ILE A 1059 6.37 14.51 39.20
CA ILE A 1059 7.49 14.44 38.31
C ILE A 1059 8.29 13.27 38.77
N GLY A 1060 8.42 13.19 40.09
CA GLY A 1060 8.88 12.01 40.81
C GLY A 1060 8.17 10.66 40.85
N GLU A 1061 6.84 10.62 41.00
CA GLU A 1061 6.17 9.32 40.91
C GLU A 1061 6.25 8.63 39.53
N ASN A 1062 6.02 9.36 38.46
CA ASN A 1062 6.19 8.80 37.13
C ASN A 1062 5.09 7.78 36.83
N GLU A 1063 4.06 7.74 37.66
CA GLU A 1063 2.97 6.76 37.47
C GLU A 1063 2.32 7.05 36.19
N LYS A 1064 2.19 8.32 35.93
CA LYS A 1064 1.50 8.77 34.75
C LYS A 1064 2.18 8.34 33.50
N ALA A 1065 3.49 8.28 33.53
CA ALA A 1065 4.24 8.04 32.32
C ALA A 1065 4.00 6.74 31.53
N GLU A 1066 3.79 5.59 32.16
CA GLU A 1066 3.74 4.28 31.41
C GLU A 1066 2.72 3.88 30.30
N ARG A 1067 1.45 4.21 30.39
CA ARG A 1067 0.41 3.68 29.45
C ARG A 1067 0.27 3.89 27.92
N MET A 1068 -0.20 2.88 27.18
CA MET A 1068 -0.60 3.03 25.73
C MET A 1068 0.08 3.50 24.41
N GLY A 1069 1.30 3.14 24.07
CA GLY A 1069 1.82 3.68 22.80
C GLY A 1069 1.02 3.26 21.58
N PHE A 1070 0.70 4.22 20.68
CA PHE A 1070 -0.15 3.95 19.48
C PHE A 1070 0.19 3.06 18.25
N THR A 1071 1.40 3.14 17.71
CA THR A 1071 1.75 2.36 16.50
C THR A 1071 2.05 0.89 16.85
N GLU A 1072 1.93 -0.05 15.92
CA GLU A 1072 2.31 -1.47 16.17
C GLU A 1072 3.86 -1.74 16.40
N VAL A 1073 4.35 -2.73 17.22
CA VAL A 1073 5.85 -2.96 17.53
C VAL A 1073 6.56 -4.36 17.22
N THR A 1074 7.93 -4.53 17.11
CA THR A 1074 8.50 -5.83 16.74
C THR A 1074 9.90 -5.60 16.19
N PRO A 1075 10.91 -5.60 17.04
CA PRO A 1075 12.28 -5.39 16.55
C PRO A 1075 12.98 -6.69 16.21
N VAL A 1076 12.17 -7.76 16.11
CA VAL A 1076 12.66 -9.12 16.18
C VAL A 1076 13.61 -9.44 15.03
N THR A 1077 14.88 -9.68 15.34
CA THR A 1077 15.75 -10.43 14.46
C THR A 1077 16.13 -11.78 15.06
N GLY A 1078 16.70 -11.78 16.26
CA GLY A 1078 16.71 -12.93 17.14
C GLY A 1078 16.96 -12.46 18.55
N ALA A 1079 16.05 -12.82 19.46
CA ALA A 1079 16.02 -12.33 20.83
C ALA A 1079 16.39 -10.84 20.90
N SER A 1080 15.77 -10.07 20.01
CA SER A 1080 16.20 -8.71 19.72
C SER A 1080 15.74 -7.70 20.76
N LEU A 1081 14.87 -8.11 21.69
CA LEU A 1081 14.40 -7.20 22.72
C LEU A 1081 15.53 -6.74 23.63
N ARG A 1082 16.42 -7.64 24.04
CA ARG A 1082 17.53 -7.22 24.89
C ARG A 1082 18.46 -6.28 24.13
N ARG A 1083 18.70 -6.58 22.85
CA ARG A 1083 19.54 -5.71 22.04
C ARG A 1083 18.94 -4.31 21.94
N THR A 1084 17.62 -4.21 21.72
CA THR A 1084 17.00 -2.89 21.64
C THR A 1084 17.07 -2.15 22.98
N MET A 1085 16.83 -2.85 24.09
CA MET A 1085 16.93 -2.18 25.40
C MET A 1085 18.35 -1.70 25.66
N LEU A 1086 19.35 -2.50 25.30
CA LEU A 1086 20.73 -2.05 25.45
C LEU A 1086 21.01 -0.85 24.54
N LEU A 1087 20.45 -0.86 23.33
CA LEU A 1087 20.67 0.25 22.40
C LEU A 1087 20.08 1.54 22.97
N LEU A 1088 18.88 1.46 23.55
CA LEU A 1088 18.23 2.66 24.07
C LEU A 1088 19.05 3.29 25.19
N SER A 1089 19.57 2.46 26.09
CA SER A 1089 20.36 2.96 27.22
C SER A 1089 21.85 2.90 26.90
N THR A 1105 39.16 12.40 2.77
CA THR A 1105 39.43 13.73 3.29
C THR A 1105 39.16 13.79 4.79
N PHE A 1106 39.89 14.68 5.48
CA PHE A 1106 39.72 14.88 6.91
C PHE A 1106 38.24 15.07 7.22
N HIS A 1107 37.65 14.10 7.93
CA HIS A 1107 36.21 14.06 8.12
C HIS A 1107 35.69 15.29 8.87
N ASP A 1108 36.46 15.76 9.88
CA ASP A 1108 36.01 16.90 10.66
C ASP A 1108 35.69 18.08 9.76
N GLN A 1109 36.40 18.21 8.64
CA GLN A 1109 36.12 19.27 7.68
C GLN A 1109 34.75 19.09 7.04
N ILE A 1110 34.41 17.86 6.67
CA ILE A 1110 33.10 17.59 6.08
C ILE A 1110 31.99 17.91 7.07
N ALA A 1111 32.16 17.47 8.33
CA ALA A 1111 31.15 17.74 9.33
C ALA A 1111 30.97 19.24 9.60
N MET A 1112 32.09 19.97 9.74
CA MET A 1112 31.97 21.41 9.96
C MET A 1112 31.33 22.10 8.78
N LEU A 1113 31.69 21.71 7.55
CA LEU A 1113 31.07 22.33 6.38
C LEU A 1113 29.57 22.09 6.36
N SER A 1114 29.15 20.85 6.61
CA SER A 1114 27.72 20.54 6.59
C SER A 1114 26.95 21.32 7.64
N HIS A 1115 27.46 21.35 8.88
CA HIS A 1115 26.71 22.00 9.93
C HIS A 1115 26.75 23.52 9.82
N ARG A 1116 27.86 24.09 9.31
CA ARG A 1116 27.89 25.52 9.05
C ARG A 1116 26.93 25.90 7.93
N CYS A 1117 26.85 25.10 6.87
CA CYS A 1117 25.88 25.37 5.82
C CYS A 1117 24.46 25.34 6.36
N PHE A 1118 24.14 24.33 7.16
CA PHE A 1118 22.81 24.25 7.76
C PHE A 1118 22.53 25.49 8.62
N ASN A 1119 23.47 25.84 9.50
CA ASN A 1119 23.25 26.97 10.40
C ASN A 1119 23.08 28.27 9.62
N THR A 1120 23.88 28.47 8.58
CA THR A 1120 23.75 29.67 7.77
C THR A 1120 22.39 29.72 7.06
N LEU A 1121 21.94 28.58 6.53
CA LEU A 1121 20.64 28.57 5.84
C LEU A 1121 19.50 28.84 6.80
N THR A 1122 19.54 28.27 8.00
CA THR A 1122 18.48 28.40 8.99
C THR A 1122 18.90 29.31 10.15
N ASN A 1123 19.66 30.35 9.86
CA ASN A 1123 20.16 31.24 10.91
C ASN A 1123 19.05 32.03 11.58
N SER A 1124 18.06 32.49 10.82
CA SER A 1124 17.00 33.33 11.41
C SER A 1124 15.62 32.92 10.91
N PHE A 1125 15.39 31.62 10.75
CA PHE A 1125 14.07 31.14 10.33
C PHE A 1125 13.21 30.85 11.55
N GLN A 1126 12.09 30.17 11.32
CA GLN A 1126 11.14 29.90 12.39
C GLN A 1126 11.75 28.98 13.44
N PRO A 1127 11.33 29.12 14.71
CA PRO A 1127 11.91 28.31 15.79
C PRO A 1127 11.53 26.84 15.74
N SER A 1128 10.67 26.43 14.82
CA SER A 1128 10.26 25.03 14.75
C SER A 1128 11.39 24.09 14.38
N LEU A 1129 12.52 24.62 13.88
CA LEU A 1129 13.67 23.80 13.52
C LEU A 1129 14.69 23.71 14.66
N LEU A 1130 14.24 23.85 15.91
CA LEU A 1130 15.10 23.72 17.08
C LEU A 1130 14.99 22.36 17.75
N GLY A 1131 14.21 21.44 17.19
CA GLY A 1131 14.12 20.09 17.70
C GLY A 1131 15.25 19.21 17.20
N ARG A 1132 15.27 17.98 17.69
CA ARG A 1132 16.27 17.03 17.25
C ARG A 1132 16.05 16.69 15.77
N LYS A 1133 17.14 16.36 15.09
CA LYS A 1133 17.08 16.11 13.66
C LYS A 1133 18.26 15.24 13.27
N ILE A 1134 18.15 14.65 12.08
CA ILE A 1134 19.25 13.93 11.44
C ILE A 1134 19.63 14.71 10.19
N LEU A 1135 20.91 15.00 10.04
CA LEU A 1135 21.40 15.82 8.94
C LEU A 1135 22.28 15.00 8.02
N ALA A 1136 22.06 15.15 6.71
CA ALA A 1136 22.92 14.56 5.69
C ALA A 1136 23.29 15.62 4.68
N ALA A 1137 24.50 15.49 4.13
CA ALA A 1137 25.00 16.45 3.15
C ALA A 1137 25.92 15.73 2.17
N ILE A 1138 26.01 16.29 0.97
CA ILE A 1138 26.93 15.81 -0.07
C ILE A 1138 27.88 16.95 -0.40
N ILE A 1139 29.18 16.67 -0.39
CA ILE A 1139 30.21 17.67 -0.62
C ILE A 1139 30.98 17.30 -1.89
N MET A 1140 31.29 18.32 -2.68
CA MET A 1140 32.05 18.14 -3.92
C MET A 1140 33.38 18.86 -3.80
N LYS A 1141 34.46 18.19 -4.21
CA LYS A 1141 35.81 18.75 -4.14
C LYS A 1141 36.40 18.75 -5.54
N LYS A 1142 36.68 19.95 -6.06
CA LYS A 1142 37.11 20.08 -7.44
C LYS A 1142 38.58 19.74 -7.65
N ASP A 1143 39.43 19.93 -6.64
CA ASP A 1143 40.82 19.50 -6.75
C ASP A 1143 41.35 19.19 -5.35
N SER A 1144 42.67 19.21 -5.20
CA SER A 1144 43.31 18.80 -3.95
C SER A 1144 43.22 19.86 -2.88
N GLU A 1145 43.43 21.14 -3.25
CA GLU A 1145 43.41 22.23 -2.30
C GLU A 1145 42.03 22.86 -2.14
N ASP A 1146 41.01 22.31 -2.79
CA ASP A 1146 39.66 22.84 -2.64
C ASP A 1146 39.20 22.69 -1.19
N MET A 1147 38.71 23.78 -0.62
CA MET A 1147 38.22 23.74 0.76
C MET A 1147 37.00 22.86 0.88
N GLY A 1148 36.13 22.86 -0.12
CA GLY A 1148 34.91 22.07 -0.11
C GLY A 1148 33.68 22.93 -0.14
N VAL A 1149 32.68 22.51 -0.92
CA VAL A 1149 31.42 23.25 -1.04
C VAL A 1149 30.27 22.25 -0.96
N VAL A 1150 29.26 22.59 -0.16
CA VAL A 1150 28.08 21.74 -0.03
C VAL A 1150 27.24 21.87 -1.29
N VAL A 1151 26.83 20.73 -1.84
CA VAL A 1151 25.99 20.71 -3.04
C VAL A 1151 24.61 20.14 -2.78
N SER A 1152 24.33 19.68 -1.57
CA SER A 1152 23.01 19.16 -1.22
C SER A 1152 22.83 19.23 0.28
N LEU A 1153 21.59 19.06 0.71
CA LEU A 1153 21.29 19.00 2.13
C LEU A 1153 19.90 18.43 2.33
N GLY A 1154 19.76 17.55 3.31
CA GLY A 1154 18.48 16.94 3.60
C GLY A 1154 18.41 16.59 5.07
N THR A 1155 17.19 16.50 5.58
CA THR A 1155 16.93 16.15 6.97
C THR A 1155 15.70 15.25 7.02
N GLY A 1156 15.19 15.06 8.22
CA GLY A 1156 14.01 14.26 8.44
C GLY A 1156 14.34 12.84 8.90
N ASN A 1157 13.34 12.20 9.49
CA ASN A 1157 13.53 10.84 10.01
C ASN A 1157 12.31 9.96 9.77
N ARG A 1158 11.31 10.43 9.03
CA ARG A 1158 10.04 9.74 8.89
C ARG A 1158 9.86 9.27 7.46
N CYS A 1159 8.71 8.67 7.19
CA CYS A 1159 8.32 8.19 5.87
C CYS A 1159 6.83 8.43 5.71
N VAL A 1160 6.30 8.11 4.53
CA VAL A 1160 4.88 8.29 4.28
C VAL A 1160 4.14 7.10 4.87
N LYS A 1161 2.82 7.24 5.00
CA LYS A 1161 1.99 6.12 5.36
C LYS A 1161 1.49 5.43 4.09
N GLY A 1162 0.81 4.29 4.28
CA GLY A 1162 0.20 3.63 3.14
C GLY A 1162 -1.02 4.34 2.59
N ASP A 1163 -1.66 5.17 3.42
CA ASP A 1163 -2.82 5.92 3.00
C ASP A 1163 -2.45 7.11 2.12
N SER A 1164 -1.28 7.71 2.33
CA SER A 1164 -0.90 8.96 1.73
C SER A 1164 -0.18 8.80 0.39
N LEU A 1165 -0.10 7.60 -0.15
CA LEU A 1165 0.51 7.40 -1.46
C LEU A 1165 -0.31 8.09 -2.55
N SER A 1166 0.34 8.32 -3.69
CA SER A 1166 -0.27 9.02 -4.81
C SER A 1166 -0.09 8.22 -6.09
N LEU A 1167 -1.07 8.33 -6.99
CA LEU A 1167 -1.07 7.61 -8.26
C LEU A 1167 -0.46 8.39 -9.40
N LYS A 1168 -0.06 9.65 -9.18
CA LYS A 1168 0.53 10.48 -10.22
C LYS A 1168 1.90 11.01 -9.83
N GLY A 1169 2.54 10.40 -8.82
CA GLY A 1169 3.84 10.84 -8.35
C GLY A 1169 3.94 12.22 -7.73
N GLU A 1170 2.98 12.58 -6.89
CA GLU A 1170 2.99 13.89 -6.25
C GLU A 1170 3.49 13.84 -4.80
N THR A 1171 4.01 12.70 -4.35
CA THR A 1171 4.48 12.56 -2.99
C THR A 1171 5.86 11.92 -2.98
N VAL A 1172 6.61 12.18 -1.91
CA VAL A 1172 7.92 11.58 -1.69
C VAL A 1172 7.74 10.42 -0.75
N ASN A 1173 8.18 9.23 -1.17
CA ASN A 1173 7.95 8.02 -0.40
C ASN A 1173 8.84 7.91 0.84
N ASP A 1174 9.79 8.81 1.00
CA ASP A 1174 10.72 8.76 2.13
C ASP A 1174 11.07 10.18 2.54
N CYS A 1175 11.55 10.33 3.78
CA CYS A 1175 12.07 11.63 4.19
C CYS A 1175 13.32 11.51 5.04
N HIS A 1176 13.97 10.35 5.05
CA HIS A 1176 15.25 10.23 5.74
C HIS A 1176 16.27 11.19 5.14
N ALA A 1177 17.20 11.64 5.99
CA ALA A 1177 18.09 12.74 5.60
C ALA A 1177 18.91 12.39 4.36
N GLU A 1178 19.47 11.18 4.31
CA GLU A 1178 20.32 10.81 3.19
C GLU A 1178 19.53 10.75 1.88
N ILE A 1179 18.28 10.30 1.94
CA ILE A 1179 17.47 10.18 0.74
C ILE A 1179 17.17 11.55 0.16
N ILE A 1180 16.77 12.50 1.02
CA ILE A 1180 16.49 13.85 0.56
C ILE A 1180 17.77 14.51 0.05
N SER A 1181 18.90 14.20 0.68
CA SER A 1181 20.18 14.72 0.21
C SER A 1181 20.50 14.21 -1.19
N ARG A 1182 20.28 12.92 -1.45
CA ARG A 1182 20.54 12.39 -2.79
C ARG A 1182 19.58 13.00 -3.81
N ARG A 1183 18.33 13.24 -3.42
CA ARG A 1183 17.40 13.88 -4.34
C ARG A 1183 17.85 15.30 -4.68
N GLY A 1184 18.34 16.04 -3.68
CA GLY A 1184 18.92 17.35 -3.95
C GLY A 1184 20.13 17.27 -4.85
N PHE A 1185 20.95 16.22 -4.69
CA PHE A 1185 22.08 16.01 -5.59
C PHE A 1185 21.60 15.77 -7.01
N ILE A 1186 20.49 15.05 -7.17
CA ILE A 1186 19.93 14.82 -8.50
C ILE A 1186 19.50 16.14 -9.12
N ARG A 1187 18.85 17.00 -8.34
CA ARG A 1187 18.47 18.32 -8.84
C ARG A 1187 19.69 19.15 -9.24
N PHE A 1188 20.75 19.09 -8.43
CA PHE A 1188 21.98 19.81 -8.77
C PHE A 1188 22.58 19.28 -10.06
N LEU A 1189 22.59 17.97 -10.24
CA LEU A 1189 23.10 17.38 -11.47
C LEU A 1189 22.30 17.86 -12.68
N TYR A 1190 20.97 17.92 -12.54
CA TYR A 1190 20.13 18.41 -13.62
C TYR A 1190 20.45 19.87 -13.96
N SER A 1191 20.60 20.71 -12.94
CA SER A 1191 20.93 22.11 -13.18
C SER A 1191 22.30 22.25 -13.85
N GLU A 1192 23.28 21.50 -13.39
CA GLU A 1192 24.62 21.59 -13.96
C GLU A 1192 24.64 21.07 -15.40
N LEU A 1193 23.79 20.10 -15.72
CA LEU A 1193 23.65 19.67 -17.11
C LEU A 1193 22.98 20.74 -17.95
N MET A 1194 22.02 21.47 -17.37
CA MET A 1194 21.44 22.61 -18.07
C MET A 1194 22.50 23.65 -18.40
N LYS A 1195 23.37 23.98 -17.45
CA LYS A 1195 24.36 25.02 -17.68
C LYS A 1195 25.41 24.63 -18.71
N TYR A 1196 25.59 23.34 -18.96
CA TYR A 1196 26.66 22.88 -19.84
C TYR A 1196 26.38 23.27 -21.29
N ASN A 1197 27.45 23.57 -22.02
CA ASN A 1197 27.37 23.86 -23.45
C ASN A 1197 28.76 23.68 -24.04
N SER A 1198 28.92 24.07 -25.32
CA SER A 1198 30.21 23.94 -25.99
C SER A 1198 31.21 24.98 -25.53
N GLN A 1199 30.75 26.19 -25.21
CA GLN A 1199 31.68 27.25 -24.83
C GLN A 1199 32.27 27.03 -23.45
N THR A 1200 31.46 26.60 -22.49
CA THR A 1200 31.88 26.45 -21.09
C THR A 1200 32.11 25.00 -20.73
N ALA A 1201 32.65 24.20 -21.65
CA ALA A 1201 32.93 22.80 -21.35
C ALA A 1201 34.06 22.66 -20.33
N LYS A 1202 35.05 23.55 -20.38
CA LYS A 1202 36.18 23.44 -19.47
C LYS A 1202 35.78 23.79 -18.04
N ASP A 1203 35.03 24.88 -17.86
CA ASP A 1203 34.62 25.28 -16.52
C ASP A 1203 33.60 24.34 -15.90
N SER A 1204 32.93 23.52 -16.72
CA SER A 1204 31.94 22.59 -16.19
C SER A 1204 32.61 21.34 -15.63
N ILE A 1205 31.92 20.71 -14.68
CA ILE A 1205 32.44 19.50 -14.05
C ILE A 1205 32.36 18.28 -14.96
N PHE A 1206 31.73 18.40 -16.12
CA PHE A 1206 31.55 17.29 -17.05
C PHE A 1206 32.58 17.37 -18.18
N GLU A 1207 32.88 16.22 -18.76
CA GLU A 1207 33.74 16.11 -19.92
C GLU A 1207 33.18 15.04 -20.85
N PRO A 1208 33.42 15.17 -22.16
CA PRO A 1208 32.95 14.14 -23.09
C PRO A 1208 33.58 12.79 -22.79
N ALA A 1209 32.79 11.72 -22.92
CA ALA A 1209 33.29 10.38 -22.74
C ALA A 1209 33.74 9.80 -24.08
N LYS A 1210 34.00 8.50 -24.11
CA LYS A 1210 34.42 7.83 -25.35
C LYS A 1210 33.26 7.83 -26.34
N GLY A 1211 33.40 8.63 -27.40
CA GLY A 1211 32.40 8.72 -28.44
C GLY A 1211 31.52 9.96 -28.35
N GLY A 1212 31.44 10.60 -27.20
CA GLY A 1212 30.66 11.81 -27.03
C GLY A 1212 29.17 11.62 -26.91
N GLU A 1213 28.67 10.38 -26.89
CA GLU A 1213 27.24 10.15 -26.74
C GLU A 1213 26.74 10.67 -25.40
N LYS A 1214 27.41 10.29 -24.32
CA LYS A 1214 27.03 10.70 -22.96
C LYS A 1214 28.23 11.32 -22.27
N LEU A 1215 27.97 12.35 -21.47
CA LEU A 1215 29.03 13.01 -20.71
C LEU A 1215 29.51 12.11 -19.57
N GLN A 1216 30.49 12.61 -18.84
CA GLN A 1216 31.00 11.92 -17.66
C GLN A 1216 31.63 12.97 -16.74
N ILE A 1217 31.85 12.57 -15.50
CA ILE A 1217 32.41 13.48 -14.50
C ILE A 1217 33.91 13.60 -14.72
N LYS A 1218 34.45 14.78 -14.42
CA LYS A 1218 35.88 14.99 -14.56
C LYS A 1218 36.64 14.16 -13.53
N LYS A 1219 37.84 13.72 -13.91
CA LYS A 1219 38.62 12.87 -13.03
C LYS A 1219 39.15 13.62 -11.82
N THR A 1220 39.06 14.95 -11.81
CA THR A 1220 39.51 15.75 -10.68
C THR A 1220 38.40 16.07 -9.70
N VAL A 1221 37.16 15.77 -10.04
CA VAL A 1221 36.00 16.10 -9.21
C VAL A 1221 35.58 14.88 -8.43
N SER A 1222 35.37 15.04 -7.13
CA SER A 1222 34.98 13.95 -6.25
C SER A 1222 33.81 14.36 -5.38
N PHE A 1223 33.09 13.36 -4.88
CA PHE A 1223 31.90 13.58 -4.06
C PHE A 1223 32.01 12.82 -2.75
N HIS A 1224 31.64 13.47 -1.65
CA HIS A 1224 31.63 12.87 -0.33
C HIS A 1224 30.28 13.06 0.32
N LEU A 1225 29.93 12.16 1.24
CA LEU A 1225 28.64 12.17 1.91
C LEU A 1225 28.83 12.11 3.41
N TYR A 1226 28.15 13.00 4.13
CA TYR A 1226 28.17 13.03 5.59
C TYR A 1226 26.77 12.80 6.14
N ILE A 1227 26.65 11.89 7.10
CA ILE A 1227 25.39 11.62 7.78
C ILE A 1227 25.60 11.83 9.27
N SER A 1228 24.68 12.55 9.92
CA SER A 1228 24.85 12.91 11.32
C SER A 1228 24.74 11.71 12.25
N THR A 1229 24.12 10.61 11.81
CA THR A 1229 24.07 9.36 12.57
C THR A 1229 24.32 8.21 11.61
N ALA A 1230 24.31 6.99 12.15
CA ALA A 1230 24.48 5.82 11.30
C ALA A 1230 23.24 5.59 10.45
N PRO A 1231 23.40 5.09 9.23
CA PRO A 1231 22.24 4.81 8.39
C PRO A 1231 21.42 3.66 8.95
N CYS A 1232 20.10 3.82 8.92
CA CYS A 1232 19.21 2.81 9.46
C CYS A 1232 19.36 1.52 8.68
N GLY A 1233 19.22 0.40 9.38
CA GLY A 1233 19.29 -0.90 8.73
C GLY A 1233 20.47 -1.73 9.18
N ASP A 1234 21.22 -2.29 8.23
CA ASP A 1234 22.35 -3.15 8.57
C ASP A 1234 23.53 -2.40 9.17
N GLY A 1235 23.51 -1.08 9.14
CA GLY A 1235 24.54 -0.25 9.71
C GLY A 1235 24.35 0.19 11.15
N ALA A 1236 23.33 -0.31 11.86
CA ALA A 1236 23.12 0.14 13.23
C ALA A 1236 22.72 -0.98 14.18
N LEU A 1237 23.18 -2.21 13.96
CA LEU A 1237 22.89 -3.30 14.88
C LEU A 1237 24.01 -3.49 15.90
N PHE A 1238 24.29 -2.41 16.63
CA PHE A 1238 25.32 -2.43 17.67
C PHE A 1238 25.10 -1.25 18.59
N ASP A 1239 25.43 -1.46 19.87
CA ASP A 1239 25.24 -0.46 20.89
C ASP A 1239 26.19 0.73 20.68
N LYS A 1240 25.78 1.88 21.22
CA LYS A 1240 26.64 3.06 21.17
C LYS A 1240 27.93 2.84 21.95
N SER A 1241 27.92 1.93 22.93
CA SER A 1241 29.13 1.60 23.68
C SER A 1241 30.16 0.88 22.83
N CYS A 1242 29.78 0.37 21.66
CA CYS A 1242 30.70 -0.26 20.72
C CYS A 1242 31.42 0.74 19.82
N SER A 1243 31.49 2.00 20.24
CA SER A 1243 32.07 3.05 19.42
C SER A 1243 33.58 2.87 19.30
N ASP A 1244 34.05 2.62 18.08
CA ASP A 1244 35.48 2.57 17.83
C ASP A 1244 36.07 3.98 17.86
N ARG A 1245 37.37 4.05 18.13
CA ARG A 1245 38.07 5.33 18.15
C ARG A 1245 38.51 5.74 16.75
N ALA A 1246 38.60 7.05 16.54
CA ALA A 1246 38.98 7.58 15.24
C ALA A 1246 40.47 7.38 14.99
N MET A 1247 40.80 6.69 13.90
CA MET A 1247 42.18 6.49 13.48
C MET A 1247 42.33 6.96 12.04
N GLU A 1248 43.43 7.67 11.77
CA GLU A 1248 43.71 8.17 10.42
C GLU A 1248 44.54 7.14 9.65
N SER A 1249 43.90 6.00 9.41
CA SER A 1249 44.57 4.91 8.71
C SER A 1249 44.81 5.27 7.25
N THR A 1250 46.07 5.18 6.81
CA THR A 1250 46.40 5.49 5.42
C THR A 1250 45.81 4.46 4.47
N GLU A 1251 45.75 3.20 4.88
CA GLU A 1251 45.19 2.16 4.03
C GLU A 1251 43.71 2.39 3.78
N SER A 1252 43.25 2.05 2.58
CA SER A 1252 41.85 2.17 2.21
C SER A 1252 41.11 0.83 2.24
N ARG A 1253 41.78 -0.24 2.64
CA ARG A 1253 41.19 -1.58 2.57
C ARG A 1253 40.20 -1.76 3.71
N HIS A 1254 38.98 -2.17 3.38
CA HIS A 1254 37.95 -2.30 4.38
C HIS A 1254 38.16 -3.55 5.22
N TYR A 1255 37.46 -3.63 6.35
CA TYR A 1255 37.52 -4.78 7.25
C TYR A 1255 36.10 -5.17 7.68
N PRO A 1256 35.34 -5.81 6.79
CA PRO A 1256 34.00 -6.27 7.18
C PRO A 1256 34.08 -7.45 8.13
N VAL A 1257 33.04 -7.60 8.95
CA VAL A 1257 32.94 -8.70 9.90
C VAL A 1257 31.56 -9.34 9.78
N PHE A 1258 31.55 -10.65 9.55
CA PHE A 1258 30.31 -11.40 9.42
C PHE A 1258 30.16 -12.34 10.62
N GLU A 1259 29.87 -11.73 11.79
CA GLU A 1259 29.79 -12.50 13.02
C GLU A 1259 28.65 -13.52 12.98
N ASN A 1260 27.48 -13.15 12.46
CA ASN A 1260 26.35 -14.07 12.44
C ASN A 1260 25.69 -14.07 11.08
N PRO A 1261 24.94 -15.13 10.74
CA PRO A 1261 24.18 -15.13 9.48
C PRO A 1261 23.12 -14.04 9.42
N LYS A 1262 22.52 -13.69 10.55
CA LYS A 1262 21.45 -12.69 10.58
C LYS A 1262 21.94 -11.34 10.07
N GLN A 1263 23.17 -10.96 10.38
CA GLN A 1263 23.76 -9.78 9.77
C GLN A 1263 23.99 -9.97 8.27
N GLY A 1264 23.75 -8.90 7.51
CA GLY A 1264 23.73 -8.92 6.06
C GLY A 1264 22.34 -8.98 5.47
N LYS A 1265 21.33 -9.31 6.26
CA LYS A 1265 19.96 -9.38 5.79
C LYS A 1265 19.43 -7.98 5.45
N LEU A 1266 18.58 -7.94 4.43
CA LEU A 1266 18.01 -6.66 4.01
C LEU A 1266 16.86 -6.35 4.96
N ARG A 1267 16.37 -5.11 4.94
CA ARG A 1267 15.40 -4.70 5.95
C ARG A 1267 14.67 -3.44 5.49
N THR A 1268 13.45 -3.28 6.00
CA THR A 1268 12.55 -2.22 5.58
C THR A 1268 12.01 -1.49 6.80
N LYS A 1269 11.71 -0.21 6.62
CA LYS A 1269 11.04 0.60 7.64
C LYS A 1269 9.53 0.47 7.51
N VAL A 1270 8.93 -0.41 8.30
CA VAL A 1270 7.50 -0.66 8.17
C VAL A 1270 6.71 0.52 8.72
N GLU A 1271 5.47 0.65 8.25
CA GLU A 1271 4.62 1.76 8.63
C GLU A 1271 3.98 1.48 9.99
N ASN A 1272 3.91 2.50 10.83
CA ASN A 1272 3.34 2.41 12.18
C ASN A 1272 4.05 1.38 13.05
N GLY A 1273 5.24 0.96 12.66
CA GLY A 1273 6.02 0.05 13.49
C GLY A 1273 7.34 0.64 13.93
N GLU A 1274 7.94 0.06 14.96
CA GLU A 1274 9.21 0.53 15.51
C GLU A 1274 10.30 -0.49 15.26
N GLY A 1275 11.49 0.00 14.92
CA GLY A 1275 12.64 -0.84 14.62
C GLY A 1275 12.90 -0.90 13.13
N THR A 1276 13.76 -1.84 12.75
CA THR A 1276 14.07 -2.05 11.34
C THR A 1276 14.12 -3.56 11.08
N ILE A 1277 13.06 -4.08 10.47
CA ILE A 1277 12.76 -5.50 10.40
C ILE A 1277 13.17 -6.08 9.04
N PRO A 1278 13.83 -7.23 9.00
CA PRO A 1278 14.25 -7.80 7.71
C PRO A 1278 13.07 -8.18 6.84
N VAL A 1279 13.38 -8.38 5.56
CA VAL A 1279 12.41 -8.93 4.63
C VAL A 1279 12.21 -10.40 5.02
N GLU A 1280 11.08 -10.67 5.66
CA GLU A 1280 10.81 -11.95 6.30
C GLU A 1280 10.41 -12.97 5.25
N SER A 1281 9.87 -14.10 5.71
CA SER A 1281 9.11 -14.95 4.80
C SER A 1281 7.69 -14.41 4.69
N SER A 1282 7.58 -13.10 4.44
CA SER A 1282 6.31 -12.42 4.29
C SER A 1282 6.09 -12.22 2.80
N ASP A 1283 5.28 -13.09 2.19
CA ASP A 1283 5.04 -13.03 0.76
C ASP A 1283 3.96 -12.04 0.38
N ILE A 1284 3.62 -11.10 1.26
CA ILE A 1284 2.62 -10.09 0.96
C ILE A 1284 3.12 -9.25 -0.21
N VAL A 1285 2.42 -9.36 -1.34
CA VAL A 1285 2.83 -8.66 -2.56
C VAL A 1285 2.35 -7.21 -2.47
N PRO A 1286 3.23 -6.24 -2.59
CA PRO A 1286 2.81 -4.83 -2.51
C PRO A 1286 1.91 -4.46 -3.67
N THR A 1287 0.69 -4.04 -3.35
CA THR A 1287 -0.30 -3.66 -4.34
C THR A 1287 -0.93 -2.34 -3.92
N TRP A 1288 -1.43 -1.59 -4.90
CA TRP A 1288 -2.00 -0.28 -4.61
C TRP A 1288 -3.27 -0.41 -3.78
N ASP A 1289 -4.27 -1.10 -4.30
CA ASP A 1289 -5.52 -1.25 -3.58
C ASP A 1289 -5.34 -2.08 -2.31
N GLY A 1290 -4.38 -3.00 -2.32
CA GLY A 1290 -4.10 -3.75 -1.10
C GLY A 1290 -3.57 -2.88 0.01
N ILE A 1291 -2.61 -2.01 -0.30
CA ILE A 1291 -2.09 -1.07 0.70
C ILE A 1291 -3.18 -0.11 1.13
N ARG A 1292 -4.04 0.29 0.18
CA ARG A 1292 -5.14 1.19 0.53
C ARG A 1292 -6.10 0.52 1.51
N LEU A 1293 -6.34 -0.79 1.33
CA LEU A 1293 -7.29 -1.51 2.15
C LEU A 1293 -6.77 -1.79 3.56
N GLY A 1294 -5.48 -1.57 3.82
CA GLY A 1294 -4.98 -1.69 5.17
C GLY A 1294 -3.79 -2.59 5.48
N GLU A 1295 -2.99 -2.99 4.48
CA GLU A 1295 -1.80 -3.76 4.84
C GLU A 1295 -0.66 -2.80 5.22
N ARG A 1296 0.45 -3.38 5.63
CA ARG A 1296 1.59 -2.62 6.12
C ARG A 1296 2.49 -2.21 4.96
N LEU A 1297 2.87 -0.94 4.94
CA LEU A 1297 3.74 -0.39 3.91
C LEU A 1297 5.18 -0.45 4.39
N ARG A 1298 6.05 -1.09 3.60
CA ARG A 1298 7.44 -1.31 3.94
C ARG A 1298 8.34 -0.54 2.99
N THR A 1299 9.03 0.47 3.51
CA THR A 1299 10.03 1.22 2.76
C THR A 1299 11.41 0.73 3.18
N MET A 1300 12.28 0.50 2.20
CA MET A 1300 13.59 -0.07 2.48
C MET A 1300 14.46 0.87 3.29
N SER A 1301 15.36 0.29 4.07
CA SER A 1301 16.22 1.04 4.98
C SER A 1301 17.27 1.82 4.20
N CYS A 1302 17.82 2.85 4.86
CA CYS A 1302 18.78 3.73 4.21
C CYS A 1302 20.09 3.02 3.88
N SER A 1303 20.48 2.02 4.67
CA SER A 1303 21.72 1.29 4.39
C SER A 1303 21.61 0.52 3.07
N ASP A 1304 20.46 -0.11 2.82
CA ASP A 1304 20.25 -0.79 1.55
C ASP A 1304 20.28 0.21 0.39
N LYS A 1305 19.68 1.39 0.57
CA LYS A 1305 19.72 2.39 -0.48
C LYS A 1305 21.13 2.86 -0.76
N ILE A 1306 21.95 3.04 0.28
CA ILE A 1306 23.32 3.45 0.07
C ILE A 1306 24.10 2.36 -0.65
N LEU A 1307 23.83 1.09 -0.32
CA LEU A 1307 24.45 0.00 -1.06
C LEU A 1307 24.04 0.04 -2.53
N ARG A 1308 22.76 0.33 -2.79
CA ARG A 1308 22.29 0.43 -4.17
C ARG A 1308 23.01 1.56 -4.90
N TRP A 1309 23.21 2.70 -4.24
CA TRP A 1309 23.98 3.78 -4.86
C TRP A 1309 25.41 3.33 -5.16
N ASN A 1310 26.05 2.63 -4.21
CA ASN A 1310 27.44 2.23 -4.41
C ASN A 1310 27.57 1.20 -5.53
N VAL A 1311 26.52 0.43 -5.79
CA VAL A 1311 26.62 -0.58 -6.85
C VAL A 1311 26.15 -0.03 -8.19
N LEU A 1312 25.21 0.92 -8.21
CA LEU A 1312 24.62 1.44 -9.43
C LEU A 1312 25.02 2.87 -9.74
N GLY A 1313 24.91 3.78 -8.79
CA GLY A 1313 25.28 5.17 -8.97
C GLY A 1313 24.28 6.09 -8.30
N LEU A 1314 24.73 7.30 -8.00
CA LEU A 1314 23.87 8.29 -7.35
C LEU A 1314 23.01 9.06 -8.34
N GLN A 1315 23.19 8.86 -9.64
CA GLN A 1315 22.48 9.62 -10.66
C GLN A 1315 21.11 9.04 -11.00
N GLY A 1316 20.75 7.89 -10.43
CA GLY A 1316 19.45 7.32 -10.74
C GLY A 1316 19.44 6.63 -12.09
N ALA A 1317 18.23 6.46 -12.63
CA ALA A 1317 18.02 5.75 -13.89
C ALA A 1317 17.78 6.69 -15.06
N LEU A 1318 17.08 7.80 -14.85
CA LEU A 1318 16.83 8.73 -15.94
C LEU A 1318 18.10 9.42 -16.38
N LEU A 1319 18.90 9.91 -15.43
CA LEU A 1319 20.10 10.66 -15.76
C LEU A 1319 21.16 9.82 -16.48
N THR A 1320 21.07 8.49 -16.41
CA THR A 1320 22.09 7.66 -17.04
C THR A 1320 22.04 7.75 -18.56
N HIS A 1321 21.00 8.36 -19.14
CA HIS A 1321 20.97 8.57 -20.58
C HIS A 1321 22.10 9.50 -21.01
N PHE A 1322 22.36 10.56 -20.25
CA PHE A 1322 23.35 11.55 -20.62
C PHE A 1322 24.65 11.45 -19.85
N LEU A 1323 24.69 10.67 -18.76
CA LEU A 1323 25.88 10.58 -17.92
C LEU A 1323 26.23 9.13 -17.62
N GLN A 1324 27.52 8.89 -17.45
CA GLN A 1324 28.00 7.68 -16.83
C GLN A 1324 27.72 7.73 -15.33
N PRO A 1325 27.69 6.58 -14.65
CA PRO A 1325 27.33 6.57 -13.22
C PRO A 1325 28.28 7.42 -12.40
N ILE A 1326 27.72 8.08 -11.38
CA ILE A 1326 28.49 8.89 -10.45
C ILE A 1326 28.57 8.15 -9.12
N TYR A 1327 29.78 7.98 -8.62
CA TYR A 1327 30.05 7.19 -7.43
C TYR A 1327 30.60 8.08 -6.33
N LEU A 1328 30.55 7.59 -5.10
CA LEU A 1328 30.98 8.35 -3.95
C LEU A 1328 32.42 7.98 -3.61
N LYS A 1329 33.03 8.79 -2.75
CA LYS A 1329 34.40 8.56 -2.32
C LYS A 1329 34.56 8.38 -0.82
N SER A 1330 33.73 9.04 -0.01
CA SER A 1330 33.86 8.90 1.44
C SER A 1330 32.51 9.08 2.09
N VAL A 1331 32.35 8.45 3.26
CA VAL A 1331 31.17 8.58 4.09
C VAL A 1331 31.63 8.93 5.49
N THR A 1332 31.15 10.04 6.03
CA THR A 1332 31.53 10.50 7.36
C THR A 1332 30.30 10.49 8.26
N LEU A 1333 30.42 9.79 9.39
CA LEU A 1333 29.32 9.65 10.35
C LEU A 1333 29.62 10.41 11.63
N GLY A 1334 28.57 10.97 12.22
CA GLY A 1334 28.71 11.75 13.44
C GLY A 1334 28.35 11.01 14.70
N TYR A 1335 27.85 9.78 14.58
CA TYR A 1335 27.53 8.97 15.74
C TYR A 1335 27.34 7.53 15.27
N LEU A 1336 27.44 6.60 16.24
CA LEU A 1336 27.18 5.17 16.01
C LEU A 1336 28.02 4.62 14.85
N PHE A 1337 29.30 4.95 14.84
CA PHE A 1337 30.20 4.45 13.80
C PHE A 1337 30.87 3.15 14.26
N SER A 1338 30.82 2.14 13.39
CA SER A 1338 31.60 0.91 13.59
C SER A 1338 32.09 0.45 12.23
N GLN A 1339 33.42 0.38 12.07
CA GLN A 1339 34.00 0.07 10.77
C GLN A 1339 33.53 -1.27 10.24
N GLY A 1340 33.66 -2.33 11.06
CA GLY A 1340 33.28 -3.66 10.62
C GLY A 1340 31.81 -3.82 10.31
N HIS A 1341 30.97 -2.95 10.84
CA HIS A 1341 29.54 -3.01 10.55
C HIS A 1341 29.19 -2.14 9.34
N LEU A 1342 29.67 -0.90 9.34
CA LEU A 1342 29.34 0.03 8.26
C LEU A 1342 29.92 -0.42 6.92
N THR A 1343 31.14 -0.94 6.92
CA THR A 1343 31.75 -1.39 5.67
C THR A 1343 30.90 -2.49 5.03
N ARG A 1344 30.48 -3.47 5.82
CA ARG A 1344 29.58 -4.49 5.30
C ARG A 1344 28.24 -3.91 4.91
N ALA A 1345 27.76 -2.90 5.64
CA ALA A 1345 26.45 -2.33 5.36
C ALA A 1345 26.42 -1.65 3.99
N ILE A 1346 27.47 -0.91 3.64
CA ILE A 1346 27.42 -0.06 2.44
C ILE A 1346 27.94 -0.79 1.21
N CYS A 1347 29.11 -1.44 1.29
CA CYS A 1347 29.67 -2.00 0.06
C CYS A 1347 30.23 -3.42 0.16
N CYS A 1348 30.63 -3.91 1.33
CA CYS A 1348 31.33 -5.19 1.37
C CYS A 1348 30.40 -6.40 1.40
N ARG A 1349 29.11 -6.22 1.71
CA ARG A 1349 28.23 -7.38 1.83
C ARG A 1349 27.97 -8.06 0.49
N VAL A 1350 28.23 -7.38 -0.63
CA VAL A 1350 28.09 -8.01 -1.95
C VAL A 1350 29.35 -8.73 -2.38
N THR A 1351 30.43 -8.69 -1.58
CA THR A 1351 31.69 -9.33 -1.91
C THR A 1351 32.07 -10.42 -0.91
N ARG A 1352 31.12 -10.85 -0.08
CA ARG A 1352 31.42 -11.84 0.94
C ARG A 1352 31.82 -13.17 0.33
N ASP A 1353 31.11 -13.61 -0.71
CA ASP A 1353 31.30 -14.94 -1.28
C ASP A 1353 32.21 -14.92 -2.51
N GLY A 1354 33.20 -14.04 -2.52
CA GLY A 1354 34.15 -13.98 -3.62
C GLY A 1354 33.94 -12.75 -4.47
N SER A 1355 34.72 -12.68 -5.54
CA SER A 1355 34.65 -11.58 -6.49
C SER A 1355 33.87 -11.94 -7.74
N ALA A 1356 33.17 -13.08 -7.73
CA ALA A 1356 32.39 -13.50 -8.89
C ALA A 1356 31.24 -12.55 -9.19
N PHE A 1357 30.80 -11.76 -8.21
CA PHE A 1357 29.76 -10.78 -8.47
C PHE A 1357 30.29 -9.60 -9.26
N GLU A 1358 31.57 -9.25 -9.04
CA GLU A 1358 32.12 -8.06 -9.69
C GLU A 1358 32.22 -8.25 -11.21
N ASP A 1359 32.70 -9.42 -11.65
CA ASP A 1359 32.84 -9.66 -13.08
C ASP A 1359 31.49 -9.79 -13.78
N GLY A 1360 30.44 -10.13 -13.05
CA GLY A 1360 29.12 -10.16 -13.67
C GLY A 1360 28.63 -8.79 -14.05
N LEU A 1361 28.90 -7.79 -13.22
CA LEU A 1361 28.52 -6.43 -13.52
C LEU A 1361 29.32 -5.90 -14.70
N ARG A 1362 28.72 -4.98 -15.45
CA ARG A 1362 29.27 -4.51 -16.71
C ARG A 1362 29.66 -3.03 -16.58
N HIS A 1363 30.88 -2.72 -16.98
CA HIS A 1363 31.32 -1.33 -17.03
C HIS A 1363 30.38 -0.53 -17.93
N PRO A 1364 30.01 0.70 -17.56
CA PRO A 1364 30.55 1.55 -16.47
C PRO A 1364 30.01 1.26 -15.08
N PHE A 1365 29.18 0.23 -14.90
CA PHE A 1365 28.67 -0.12 -13.58
C PHE A 1365 29.68 -1.02 -12.88
N ILE A 1366 30.15 -0.58 -11.71
CA ILE A 1366 31.14 -1.30 -10.91
C ILE A 1366 30.87 -0.97 -9.45
N VAL A 1367 31.34 -1.86 -8.57
CA VAL A 1367 31.16 -1.63 -7.14
C VAL A 1367 32.04 -0.47 -6.70
N ASN A 1368 31.63 0.19 -5.63
CA ASN A 1368 32.37 1.32 -5.08
C ASN A 1368 32.66 1.06 -3.61
N HIS A 1369 33.92 1.27 -3.21
CA HIS A 1369 34.33 1.11 -1.83
C HIS A 1369 34.77 2.45 -1.25
N PRO A 1370 33.83 3.31 -0.85
CA PRO A 1370 34.21 4.62 -0.31
C PRO A 1370 34.93 4.50 1.02
N LYS A 1371 35.79 5.48 1.28
CA LYS A 1371 36.51 5.54 2.54
C LYS A 1371 35.55 5.88 3.67
N VAL A 1372 35.49 5.03 4.68
CA VAL A 1372 34.60 5.23 5.81
C VAL A 1372 35.34 5.98 6.90
N GLY A 1373 34.63 6.90 7.57
CA GLY A 1373 35.25 7.72 8.59
C GLY A 1373 34.27 8.16 9.65
N ARG A 1374 34.83 8.57 10.79
CA ARG A 1374 34.05 9.00 11.94
C ARG A 1374 34.58 10.34 12.45
N VAL A 1375 33.66 11.21 12.87
CA VAL A 1375 34.05 12.50 13.41
C VAL A 1375 34.91 12.28 14.66
N SER A 1376 35.79 13.24 14.94
CA SER A 1376 36.78 13.09 16.00
C SER A 1376 36.12 12.77 17.33
N ILE A 1377 35.13 13.55 17.74
CA ILE A 1377 34.34 13.27 18.93
C ILE A 1377 32.87 13.51 18.61
N TYR A 1378 32.02 12.59 19.06
CA TYR A 1378 30.58 12.77 18.91
C TYR A 1378 30.07 13.84 19.88
N ASP A 1379 28.99 14.50 19.48
CA ASP A 1379 28.25 15.37 20.39
C ASP A 1379 27.39 14.49 21.30
N SER A 1380 27.76 14.44 22.59
CA SER A 1380 27.14 13.51 23.51
C SER A 1380 25.65 13.77 23.71
N LYS A 1381 25.17 14.97 23.39
CA LYS A 1381 23.75 15.30 23.56
C LYS A 1381 22.97 14.71 22.40
N ARG A 1382 22.57 13.44 22.56
CA ARG A 1382 21.72 12.75 21.59
C ARG A 1382 20.47 12.24 22.31
N GLN A 1383 19.47 13.11 22.44
CA GLN A 1383 18.22 12.73 23.08
C GLN A 1383 17.48 11.71 22.22
N SER A 1384 16.85 10.73 22.86
CA SER A 1384 16.18 9.67 22.13
C SER A 1384 14.76 10.06 21.73
N GLY A 1385 13.98 10.62 22.65
CA GLY A 1385 12.62 10.98 22.38
C GLY A 1385 12.47 12.32 21.67
N LYS A 1386 11.20 12.67 21.43
CA LYS A 1386 10.78 13.94 20.81
C LYS A 1386 11.45 14.16 19.45
N THR A 1387 11.20 13.22 18.55
CA THR A 1387 11.68 13.29 17.16
C THR A 1387 10.52 13.72 16.27
N LYS A 1388 10.50 15.01 15.92
CA LYS A 1388 9.42 15.55 15.09
C LYS A 1388 9.55 15.03 13.66
N GLU A 1389 8.59 15.42 12.82
CA GLU A 1389 8.47 14.87 11.48
C GLU A 1389 8.89 15.82 10.37
N THR A 1390 9.17 17.08 10.68
CA THR A 1390 9.52 18.06 9.65
C THR A 1390 10.81 17.66 8.94
N SER A 1391 10.87 17.96 7.64
CA SER A 1391 12.02 17.66 6.81
C SER A 1391 12.41 18.90 6.03
N VAL A 1392 13.71 19.05 5.78
CA VAL A 1392 14.27 20.21 5.10
C VAL A 1392 15.08 19.76 3.90
N ASN A 1393 14.95 20.48 2.79
CA ASN A 1393 15.69 20.20 1.57
C ASN A 1393 16.33 21.49 1.06
N TRP A 1394 17.51 21.35 0.47
CA TRP A 1394 18.21 22.49 -0.12
C TRP A 1394 19.17 22.00 -1.18
N CYS A 1395 19.18 22.66 -2.33
CA CYS A 1395 20.14 22.37 -3.39
C CYS A 1395 20.99 23.60 -3.70
N LEU A 1396 22.08 23.36 -4.43
CA LEU A 1396 23.02 24.44 -4.74
C LEU A 1396 22.38 25.50 -5.62
N ALA A 1397 21.62 25.08 -6.64
CA ALA A 1397 21.00 26.02 -7.56
C ALA A 1397 19.97 26.89 -6.86
N ASP A 1398 19.38 26.37 -5.77
CA ASP A 1398 18.33 27.07 -5.07
C ASP A 1398 18.82 28.33 -4.37
N GLY A 1399 20.12 28.43 -4.11
CA GLY A 1399 20.66 29.56 -3.39
C GLY A 1399 20.32 29.52 -1.91
N TYR A 1400 19.45 30.42 -1.46
CA TYR A 1400 19.02 30.46 -0.07
C TYR A 1400 17.63 29.89 0.14
N ASP A 1401 17.09 29.17 -0.83
CA ASP A 1401 15.73 28.65 -0.73
C ASP A 1401 15.75 27.22 -0.20
N LEU A 1402 15.03 26.99 0.90
CA LEU A 1402 14.90 25.68 1.51
C LEU A 1402 13.45 25.22 1.45
N GLU A 1403 13.27 23.94 1.12
CA GLU A 1403 11.95 23.31 1.08
C GLU A 1403 11.71 22.53 2.37
N ILE A 1404 10.62 22.87 3.06
CA ILE A 1404 10.27 22.22 4.32
C ILE A 1404 9.07 21.32 4.05
N LEU A 1405 9.22 20.03 4.33
CA LEU A 1405 8.19 19.03 4.08
C LEU A 1405 7.72 18.41 5.39
N ASP A 1406 6.45 18.00 5.41
CA ASP A 1406 5.92 17.19 6.49
C ASP A 1406 6.15 15.72 6.11
N GLY A 1407 7.08 15.08 6.82
CA GLY A 1407 7.51 13.74 6.45
C GLY A 1407 6.43 12.68 6.50
N THR A 1408 5.38 12.90 7.28
CA THR A 1408 4.33 11.89 7.39
C THR A 1408 3.51 11.79 6.10
N ARG A 1409 3.22 12.93 5.47
CA ARG A 1409 2.40 12.94 4.27
C ARG A 1409 3.22 12.98 2.97
N GLY A 1410 4.49 13.36 3.05
CA GLY A 1410 5.31 13.47 1.85
C GLY A 1410 5.05 14.67 0.99
N THR A 1411 4.44 15.73 1.53
CA THR A 1411 4.14 16.93 0.77
C THR A 1411 4.74 18.14 1.48
N VAL A 1412 4.60 19.31 0.86
CA VAL A 1412 5.13 20.54 1.45
C VAL A 1412 4.31 20.88 2.69
N ASP A 1413 5.00 21.13 3.80
CA ASP A 1413 4.33 21.38 5.08
C ASP A 1413 3.58 22.70 5.00
N GLY A 1414 2.25 22.62 4.91
CA GLY A 1414 1.42 23.79 4.84
C GLY A 1414 -0.02 23.43 4.54
N PRO A 1415 -0.93 24.38 4.75
CA PRO A 1415 -2.36 24.10 4.46
C PRO A 1415 -2.63 23.78 3.00
N ARG A 1416 -1.89 24.39 2.08
CA ARG A 1416 -2.10 24.16 0.66
C ARG A 1416 -1.46 22.86 0.16
N ASN A 1417 -0.60 22.25 0.97
CA ASN A 1417 0.11 20.99 0.65
C ASN A 1417 0.52 20.92 -0.81
N GLU A 1418 1.15 21.99 -1.29
CA GLU A 1418 1.54 22.09 -2.69
C GLU A 1418 2.59 21.03 -3.03
N LEU A 1419 2.98 20.99 -4.29
CA LEU A 1419 3.92 19.99 -4.78
C LEU A 1419 5.32 20.21 -4.19
N SER A 1420 6.01 19.10 -3.95
CA SER A 1420 7.39 19.14 -3.48
C SER A 1420 8.35 19.14 -4.66
N ARG A 1421 9.37 19.98 -4.58
CA ARG A 1421 10.33 20.10 -5.69
C ARG A 1421 11.22 18.87 -5.83
N VAL A 1422 11.18 17.94 -4.88
CA VAL A 1422 11.92 16.68 -5.00
C VAL A 1422 11.01 15.52 -5.37
N SER A 1423 9.75 15.79 -5.67
CA SER A 1423 8.81 14.74 -6.06
C SER A 1423 9.15 14.21 -7.45
N LYS A 1424 8.61 13.03 -7.76
CA LYS A 1424 8.88 12.40 -9.04
C LYS A 1424 8.36 13.26 -10.20
N LYS A 1425 7.28 13.99 -9.99
CA LYS A 1425 6.72 14.81 -11.06
C LYS A 1425 7.68 15.94 -11.46
N ASN A 1426 8.28 16.61 -10.47
CA ASN A 1426 9.20 17.69 -10.81
C ASN A 1426 10.48 17.16 -11.45
N ILE A 1427 10.94 15.99 -11.01
CA ILE A 1427 12.09 15.36 -11.65
C ILE A 1427 11.77 15.02 -13.10
N PHE A 1428 10.56 14.50 -13.36
CA PHE A 1428 10.16 14.22 -14.73
C PHE A 1428 10.07 15.50 -15.55
N LEU A 1429 9.60 16.60 -14.95
CA LEU A 1429 9.55 17.87 -15.66
C LEU A 1429 10.95 18.33 -16.05
N LEU A 1430 11.90 18.21 -15.12
CA LEU A 1430 13.29 18.55 -15.42
C LEU A 1430 13.86 17.66 -16.52
N PHE A 1431 13.50 16.38 -16.49
CA PHE A 1431 13.94 15.46 -17.53
C PHE A 1431 13.39 15.86 -18.90
N LYS A 1432 12.11 16.24 -18.96
CA LYS A 1432 11.54 16.71 -20.21
C LYS A 1432 12.24 17.96 -20.72
N LYS A 1433 12.50 18.91 -19.81
CA LYS A 1433 13.19 20.14 -20.19
C LYS A 1433 14.58 19.85 -20.74
N LEU A 1434 15.32 18.95 -20.08
CA LEU A 1434 16.66 18.63 -20.53
C LEU A 1434 16.64 17.84 -21.85
N CYS A 1435 15.64 16.97 -22.03
CA CYS A 1435 15.55 16.24 -23.29
C CYS A 1435 15.21 17.18 -24.44
N SER A 1436 14.37 18.18 -24.19
CA SER A 1436 14.12 19.19 -25.22
C SER A 1436 15.38 20.00 -25.50
N PHE A 1437 16.14 20.34 -24.46
CA PHE A 1437 17.36 21.13 -24.64
C PHE A 1437 18.42 20.36 -25.41
N ARG A 1438 18.50 19.04 -25.21
CA ARG A 1438 19.54 18.22 -25.83
C ARG A 1438 19.08 17.58 -27.14
N TYR A 1439 17.94 18.02 -27.69
CA TYR A 1439 17.44 17.51 -28.97
C TYR A 1439 17.22 16.00 -28.93
N ARG A 1440 16.74 15.50 -27.78
CA ARG A 1440 16.37 14.09 -27.63
C ARG A 1440 14.87 13.98 -27.80
N ARG A 1441 14.43 13.99 -29.07
CA ARG A 1441 13.01 13.98 -29.36
C ARG A 1441 12.36 12.64 -29.05
N ASP A 1442 13.10 11.54 -29.23
CA ASP A 1442 12.51 10.22 -29.03
C ASP A 1442 12.10 10.01 -27.57
N LEU A 1443 12.95 10.44 -26.63
CA LEU A 1443 12.62 10.29 -25.22
C LEU A 1443 11.51 11.23 -24.76
N LEU A 1444 11.27 12.31 -25.51
CA LEU A 1444 10.25 13.29 -25.14
C LEU A 1444 8.83 12.75 -25.22
N ARG A 1445 8.62 11.59 -25.84
CA ARG A 1445 7.28 11.03 -26.03
C ARG A 1445 7.04 9.78 -25.20
N LEU A 1446 7.80 9.58 -24.13
CA LEU A 1446 7.69 8.39 -23.29
C LEU A 1446 7.19 8.75 -21.90
N SER A 1447 6.59 7.76 -21.25
CA SER A 1447 6.13 7.89 -19.87
C SER A 1447 7.28 7.68 -18.90
N TYR A 1448 7.02 7.97 -17.63
CA TYR A 1448 8.06 7.87 -16.61
C TYR A 1448 8.61 6.45 -16.52
N GLY A 1449 7.72 5.46 -16.42
CA GLY A 1449 8.16 4.08 -16.33
C GLY A 1449 8.89 3.64 -17.59
N GLU A 1450 8.38 4.01 -18.75
CA GLU A 1450 9.03 3.63 -20.00
C GLU A 1450 10.35 4.37 -20.17
N ALA A 1451 10.41 5.64 -19.74
CA ALA A 1451 11.67 6.38 -19.80
C ALA A 1451 12.73 5.74 -18.93
N LYS A 1452 12.37 5.32 -17.72
CA LYS A 1452 13.31 4.58 -16.89
C LYS A 1452 13.69 3.25 -17.53
N LYS A 1453 12.73 2.59 -18.16
CA LYS A 1453 13.01 1.34 -18.85
C LYS A 1453 13.71 1.53 -20.18
N ALA A 1454 13.79 2.77 -20.69
CA ALA A 1454 14.49 3.02 -21.95
C ALA A 1454 15.98 2.73 -21.81
N ALA A 1455 16.57 3.09 -20.67
CA ALA A 1455 17.99 2.85 -20.43
C ALA A 1455 18.20 1.36 -20.18
N ARG A 1456 18.60 0.65 -21.24
CA ARG A 1456 18.79 -0.80 -21.13
C ARG A 1456 19.90 -1.15 -20.15
N ASP A 1457 21.00 -0.39 -20.16
CA ASP A 1457 22.16 -0.74 -19.36
C ASP A 1457 21.86 -0.63 -17.87
N TYR A 1458 21.25 0.48 -17.45
CA TYR A 1458 20.94 0.66 -16.03
C TYR A 1458 19.93 -0.37 -15.56
N GLU A 1459 18.90 -0.64 -16.36
CA GLU A 1459 17.91 -1.63 -15.96
C GLU A 1459 18.53 -3.01 -15.85
N THR A 1460 19.40 -3.38 -16.80
CA THR A 1460 20.07 -4.67 -16.72
C THR A 1460 20.95 -4.76 -15.48
N ALA A 1461 21.70 -3.70 -15.19
CA ALA A 1461 22.56 -3.71 -14.01
C ALA A 1461 21.74 -3.81 -12.72
N LYS A 1462 20.64 -3.07 -12.65
CA LYS A 1462 19.79 -3.10 -11.46
C LYS A 1462 19.18 -4.48 -11.27
N ASN A 1463 18.66 -5.09 -12.35
CA ASN A 1463 18.09 -6.41 -12.24
C ASN A 1463 19.13 -7.44 -11.84
N TYR A 1464 20.34 -7.35 -12.41
CA TYR A 1464 21.40 -8.28 -12.04
C TYR A 1464 21.80 -8.10 -10.59
N PHE A 1465 21.87 -6.85 -10.11
CA PHE A 1465 22.25 -6.60 -8.73
C PHE A 1465 21.21 -7.16 -7.77
N LYS A 1466 19.92 -6.98 -8.08
CA LYS A 1466 18.87 -7.55 -7.25
C LYS A 1466 18.91 -9.07 -7.27
N LYS A 1467 19.15 -9.66 -8.44
CA LYS A 1467 19.25 -11.11 -8.54
C LYS A 1467 20.44 -11.64 -7.75
N GLY A 1468 21.57 -10.95 -7.80
CA GLY A 1468 22.72 -11.35 -7.01
C GLY A 1468 22.47 -11.25 -5.52
N LEU A 1469 21.78 -10.19 -5.09
CA LEU A 1469 21.40 -10.07 -3.69
C LEU A 1469 20.51 -11.22 -3.25
N LYS A 1470 19.52 -11.58 -4.08
CA LYS A 1470 18.60 -12.64 -3.71
C LYS A 1470 19.29 -14.01 -3.71
N ASP A 1471 20.08 -14.30 -4.75
CA ASP A 1471 20.67 -15.62 -4.88
C ASP A 1471 21.67 -15.91 -3.77
N MET A 1472 22.47 -14.90 -3.40
CA MET A 1472 23.54 -15.13 -2.42
C MET A 1472 23.00 -15.26 -1.00
N GLY A 1473 21.81 -14.74 -0.72
CA GLY A 1473 21.10 -15.15 0.47
C GLY A 1473 20.72 -14.08 1.48
N TYR A 1474 20.37 -12.89 1.02
CA TYR A 1474 20.02 -11.79 1.92
C TYR A 1474 18.58 -11.32 1.75
N GLY A 1475 17.78 -12.04 0.98
CA GLY A 1475 16.36 -11.76 0.86
C GLY A 1475 15.98 -11.27 -0.53
N ASN A 1476 14.88 -10.52 -0.58
CA ASN A 1476 14.38 -9.97 -1.84
C ASN A 1476 14.03 -8.51 -1.66
N TRP A 1477 14.38 -7.70 -2.66
CA TRP A 1477 14.08 -6.28 -2.61
C TRP A 1477 12.58 -6.04 -2.67
N ILE A 1478 12.12 -5.05 -1.91
CA ILE A 1478 10.70 -4.71 -1.83
C ILE A 1478 10.45 -3.48 -2.69
N SER A 1479 9.58 -3.63 -3.69
CA SER A 1479 9.28 -2.57 -4.65
C SER A 1479 7.88 -2.04 -4.43
N LYS A 1480 7.70 -0.75 -4.74
CA LYS A 1480 6.38 -0.14 -4.65
C LYS A 1480 5.45 -0.72 -5.71
N PRO A 1481 4.13 -0.60 -5.50
CA PRO A 1481 3.18 -1.14 -6.49
C PRO A 1481 3.41 -0.54 -7.87
N GLN A 1482 3.25 -1.36 -8.90
CA GLN A 1482 3.52 -0.92 -10.27
C GLN A 1482 2.63 0.26 -10.65
N GLU A 1483 1.44 0.36 -10.07
CA GLU A 1483 0.58 1.50 -10.32
C GLU A 1483 1.15 2.79 -9.75
N GLU A 1484 2.11 2.71 -8.83
CA GLU A 1484 2.70 3.89 -8.21
C GLU A 1484 4.00 4.33 -8.86
N LYS A 1485 4.82 3.40 -9.37
CA LYS A 1485 6.05 3.79 -10.04
C LYS A 1485 5.76 4.37 -11.42
N ASN A 1486 4.88 3.72 -12.18
CA ASN A 1486 4.52 4.14 -13.53
C ASN A 1486 3.23 4.95 -13.44
N PHE A 1487 3.38 6.27 -13.37
CA PHE A 1487 2.24 7.13 -13.08
C PHE A 1487 1.77 7.83 -14.37
N TYR A 1488 0.83 8.75 -14.22
CA TYR A 1488 0.15 9.37 -15.35
C TYR A 1488 0.54 10.84 -15.46
N LEU A 1489 1.06 11.23 -16.62
CA LEU A 1489 1.35 12.62 -16.92
C LEU A 1489 0.89 12.97 -18.33
N PHE B 1106 -30.16 6.34 4.93
CA PHE B 1106 -30.67 5.04 4.51
C PHE B 1106 -29.63 3.95 4.70
N HIS B 1107 -28.39 4.24 4.29
CA HIS B 1107 -27.32 3.25 4.42
C HIS B 1107 -26.88 3.05 5.86
N ASP B 1108 -27.14 4.02 6.73
CA ASP B 1108 -26.78 3.87 8.14
C ASP B 1108 -27.58 2.73 8.78
N GLN B 1109 -28.87 2.62 8.43
CA GLN B 1109 -29.67 1.51 8.94
C GLN B 1109 -29.15 0.17 8.43
N ILE B 1110 -28.74 0.12 7.16
CA ILE B 1110 -28.19 -1.12 6.61
C ILE B 1110 -26.93 -1.52 7.36
N ALA B 1111 -26.03 -0.56 7.58
CA ALA B 1111 -24.78 -0.85 8.28
C ALA B 1111 -25.03 -1.31 9.70
N MET B 1112 -25.92 -0.61 10.41
CA MET B 1112 -26.18 -0.96 11.80
C MET B 1112 -26.89 -2.31 11.90
N LEU B 1113 -27.77 -2.62 10.95
CA LEU B 1113 -28.42 -3.93 10.94
C LEU B 1113 -27.39 -5.04 10.74
N SER B 1114 -26.48 -4.86 9.78
CA SER B 1114 -25.46 -5.88 9.54
C SER B 1114 -24.57 -6.06 10.77
N HIS B 1115 -24.13 -4.94 11.36
CA HIS B 1115 -23.25 -5.03 12.52
C HIS B 1115 -23.96 -5.69 13.70
N ARG B 1116 -25.22 -5.34 13.95
CA ARG B 1116 -25.96 -5.95 15.05
C ARG B 1116 -26.15 -7.44 14.81
N CYS B 1117 -26.48 -7.84 13.58
CA CYS B 1117 -26.65 -9.25 13.30
C CYS B 1117 -25.35 -10.03 13.50
N PHE B 1118 -24.24 -9.48 13.02
CA PHE B 1118 -22.96 -10.17 13.22
C PHE B 1118 -22.60 -10.28 14.70
N ASN B 1119 -22.78 -9.18 15.45
CA ASN B 1119 -22.45 -9.21 16.87
C ASN B 1119 -23.32 -10.21 17.62
N THR B 1120 -24.62 -10.23 17.32
CA THR B 1120 -25.52 -11.18 17.96
C THR B 1120 -25.14 -12.62 17.63
N LEU B 1121 -24.80 -12.90 16.37
CA LEU B 1121 -24.45 -14.26 16.00
C LEU B 1121 -23.10 -14.68 16.56
N THR B 1122 -22.19 -13.74 16.81
CA THR B 1122 -20.86 -14.09 17.30
C THR B 1122 -20.72 -13.92 18.81
N ASN B 1123 -21.81 -13.61 19.51
CA ASN B 1123 -21.74 -13.44 20.95
C ASN B 1123 -21.37 -14.74 21.65
N SER B 1124 -21.91 -15.86 21.18
CA SER B 1124 -21.66 -17.16 21.79
C SER B 1124 -20.18 -17.54 21.70
N LYS B 1133 -13.04 -5.53 11.62
CA LYS B 1133 -13.42 -6.70 10.85
C LYS B 1133 -13.82 -6.32 9.43
N ILE B 1134 -13.61 -7.24 8.49
CA ILE B 1134 -14.07 -7.09 7.12
C ILE B 1134 -15.30 -7.98 6.96
N LEU B 1135 -16.47 -7.34 6.85
CA LEU B 1135 -17.74 -8.04 6.91
C LEU B 1135 -18.68 -7.52 5.83
N ALA B 1136 -19.22 -8.43 5.02
CA ALA B 1136 -20.22 -8.08 4.01
C ALA B 1136 -21.52 -8.82 4.30
N ALA B 1137 -22.62 -8.22 3.87
CA ALA B 1137 -23.95 -8.77 4.10
C ALA B 1137 -24.88 -8.41 2.96
N ILE B 1138 -25.90 -9.23 2.76
CA ILE B 1138 -26.99 -8.95 1.82
C ILE B 1138 -28.28 -8.86 2.62
N ILE B 1139 -29.04 -7.79 2.40
CA ILE B 1139 -30.19 -7.44 3.23
C ILE B 1139 -31.43 -7.32 2.34
N MET B 1140 -32.50 -7.99 2.74
CA MET B 1140 -33.75 -8.04 1.97
C MET B 1140 -34.78 -7.20 2.73
N LYS B 1141 -35.32 -6.19 2.06
CA LYS B 1141 -36.28 -5.28 2.66
C LYS B 1141 -37.63 -5.50 2.01
N LYS B 1142 -38.58 -6.06 2.77
CA LYS B 1142 -39.88 -6.43 2.22
C LYS B 1142 -40.61 -5.23 1.64
N ASP B 1143 -40.59 -4.11 2.35
CA ASP B 1143 -41.26 -2.90 1.91
C ASP B 1143 -40.50 -1.70 2.47
N SER B 1144 -40.83 -0.52 1.95
CA SER B 1144 -40.11 0.68 2.35
C SER B 1144 -40.27 0.95 3.84
N GLU B 1145 -41.49 0.79 4.37
CA GLU B 1145 -41.70 1.00 5.80
C GLU B 1145 -40.99 -0.05 6.63
N ASP B 1146 -40.87 -1.28 6.13
CA ASP B 1146 -40.15 -2.33 6.85
C ASP B 1146 -38.68 -1.96 6.99
N MET B 1147 -38.14 -2.21 8.19
CA MET B 1147 -36.74 -1.89 8.47
C MET B 1147 -35.80 -2.74 7.62
N GLY B 1148 -36.11 -4.01 7.43
CA GLY B 1148 -35.27 -4.94 6.70
C GLY B 1148 -34.59 -5.93 7.64
N VAL B 1149 -34.17 -7.04 7.05
CA VAL B 1149 -33.53 -8.12 7.79
C VAL B 1149 -32.29 -8.58 7.03
N VAL B 1150 -31.18 -8.74 7.76
CA VAL B 1150 -29.99 -9.33 7.15
C VAL B 1150 -30.26 -10.77 6.81
N VAL B 1151 -30.00 -11.14 5.56
CA VAL B 1151 -30.34 -12.45 5.03
C VAL B 1151 -29.10 -13.29 4.76
N SER B 1152 -28.00 -12.67 4.32
CA SER B 1152 -26.75 -13.36 4.11
C SER B 1152 -25.63 -12.56 4.77
N LEU B 1153 -24.67 -13.26 5.34
CA LEU B 1153 -23.58 -12.64 6.07
C LEU B 1153 -22.28 -13.39 5.78
N GLY B 1154 -21.20 -12.64 5.59
CA GLY B 1154 -19.91 -13.26 5.36
C GLY B 1154 -18.77 -12.37 5.80
N THR B 1155 -17.65 -13.03 6.10
CA THR B 1155 -16.41 -12.35 6.45
C THR B 1155 -15.24 -13.07 5.80
N GLY B 1156 -14.12 -12.38 5.71
CA GLY B 1156 -12.89 -12.93 5.18
C GLY B 1156 -12.18 -11.94 4.29
N ASN B 1157 -10.90 -12.22 4.02
CA ASN B 1157 -10.11 -11.38 3.13
C ASN B 1157 -9.17 -12.18 2.25
N ARG B 1158 -9.21 -13.51 2.28
CA ARG B 1158 -8.20 -14.34 1.67
C ARG B 1158 -8.77 -15.04 0.43
N CYS B 1159 -7.85 -15.54 -0.40
CA CYS B 1159 -8.20 -16.35 -1.56
C CYS B 1159 -7.26 -17.53 -1.62
N VAL B 1160 -7.77 -18.67 -2.10
CA VAL B 1160 -6.99 -19.90 -2.14
C VAL B 1160 -5.92 -19.75 -3.22
N LYS B 1161 -4.95 -20.65 -3.20
CA LYS B 1161 -3.88 -20.67 -4.19
C LYS B 1161 -4.08 -21.87 -5.11
N GLY B 1162 -3.11 -22.06 -6.02
CA GLY B 1162 -3.20 -23.15 -6.97
C GLY B 1162 -3.17 -24.52 -6.32
N ASP B 1163 -2.42 -24.67 -5.22
CA ASP B 1163 -2.34 -25.96 -4.55
C ASP B 1163 -3.66 -26.35 -3.88
N SER B 1164 -4.52 -25.39 -3.57
CA SER B 1164 -5.79 -25.70 -2.93
C SER B 1164 -6.93 -25.84 -3.95
N LEU B 1165 -6.63 -25.74 -5.23
CA LEU B 1165 -7.65 -25.91 -6.25
C LEU B 1165 -8.06 -27.37 -6.33
N SER B 1166 -9.37 -27.62 -6.33
CA SER B 1166 -9.90 -28.98 -6.35
C SER B 1166 -10.67 -29.21 -7.63
N LEU B 1167 -10.37 -30.31 -8.31
CA LEU B 1167 -11.07 -30.66 -9.54
C LEU B 1167 -12.53 -31.05 -9.28
N LYS B 1168 -12.80 -31.69 -8.14
CA LYS B 1168 -14.15 -32.11 -7.79
C LYS B 1168 -14.95 -31.02 -7.11
N GLY B 1169 -14.37 -29.84 -6.90
CA GLY B 1169 -15.05 -28.72 -6.27
C GLY B 1169 -15.49 -28.77 -4.83
N GLU B 1170 -14.65 -29.27 -3.92
CA GLU B 1170 -14.99 -29.26 -2.49
C GLU B 1170 -14.43 -28.06 -1.76
N THR B 1171 -13.76 -27.15 -2.46
CA THR B 1171 -13.17 -25.95 -1.86
C THR B 1171 -13.74 -24.71 -2.52
N VAL B 1172 -14.01 -23.70 -1.71
CA VAL B 1172 -14.45 -22.41 -2.22
C VAL B 1172 -13.23 -21.64 -2.72
N ASN B 1173 -13.22 -21.30 -4.00
CA ASN B 1173 -12.07 -20.66 -4.62
C ASN B 1173 -12.05 -19.14 -4.41
N ASP B 1174 -12.85 -18.60 -3.49
CA ASP B 1174 -12.74 -17.18 -3.15
C ASP B 1174 -13.46 -16.96 -1.82
N CYS B 1175 -12.69 -16.88 -0.73
CA CYS B 1175 -13.23 -16.67 0.60
C CYS B 1175 -13.41 -15.19 0.95
N HIS B 1176 -13.45 -14.30 -0.04
CA HIS B 1176 -13.71 -12.89 0.23
C HIS B 1176 -15.12 -12.69 0.79
N ALA B 1177 -15.34 -11.53 1.40
CA ALA B 1177 -16.60 -11.29 2.10
C ALA B 1177 -17.77 -11.22 1.15
N GLU B 1178 -17.65 -10.44 0.06
CA GLU B 1178 -18.76 -10.27 -0.86
C GLU B 1178 -19.13 -11.58 -1.56
N ILE B 1179 -18.13 -12.33 -1.99
CA ILE B 1179 -18.38 -13.59 -2.71
C ILE B 1179 -19.10 -14.58 -1.80
N ILE B 1180 -18.63 -14.71 -0.56
CA ILE B 1180 -19.21 -15.68 0.35
C ILE B 1180 -20.60 -15.23 0.80
N SER B 1181 -20.84 -13.92 0.89
CA SER B 1181 -22.20 -13.45 1.16
C SER B 1181 -23.13 -13.77 0.01
N ARG B 1182 -22.65 -13.65 -1.24
CA ARG B 1182 -23.46 -14.05 -2.38
C ARG B 1182 -23.77 -15.54 -2.34
N ARG B 1183 -22.78 -16.36 -1.97
CA ARG B 1183 -23.03 -17.79 -1.86
C ARG B 1183 -24.09 -18.10 -0.80
N GLY B 1184 -24.00 -17.43 0.36
CA GLY B 1184 -25.02 -17.59 1.38
C GLY B 1184 -26.39 -17.16 0.90
N PHE B 1185 -26.45 -16.06 0.15
CA PHE B 1185 -27.73 -15.60 -0.39
C PHE B 1185 -28.29 -16.61 -1.38
N ILE B 1186 -27.43 -17.25 -2.17
CA ILE B 1186 -27.88 -18.29 -3.09
C ILE B 1186 -28.48 -19.46 -2.32
N ARG B 1187 -27.82 -19.87 -1.23
CA ARG B 1187 -28.37 -20.94 -0.41
C ARG B 1187 -29.72 -20.54 0.19
N PHE B 1188 -29.84 -19.29 0.63
CA PHE B 1188 -31.11 -18.80 1.16
C PHE B 1188 -32.21 -18.84 0.10
N LEU B 1189 -31.86 -18.46 -1.13
CA LEU B 1189 -32.84 -18.50 -2.21
C LEU B 1189 -33.27 -19.93 -2.49
N TYR B 1190 -32.34 -20.87 -2.44
CA TYR B 1190 -32.70 -22.28 -2.57
C TYR B 1190 -33.67 -22.69 -1.47
N SER B 1191 -33.41 -22.25 -0.22
CA SER B 1191 -34.32 -22.56 0.88
C SER B 1191 -35.71 -21.99 0.63
N GLU B 1192 -35.79 -20.74 0.17
CA GLU B 1192 -37.08 -20.12 -0.09
C GLU B 1192 -37.82 -20.84 -1.20
N LEU B 1193 -37.11 -21.26 -2.24
CA LEU B 1193 -37.72 -22.06 -3.30
C LEU B 1193 -38.21 -23.40 -2.77
N MET B 1194 -37.50 -23.95 -1.76
CA MET B 1194 -38.01 -25.13 -1.08
C MET B 1194 -39.33 -24.84 -0.38
N LYS B 1195 -39.43 -23.68 0.27
CA LYS B 1195 -40.62 -23.35 1.03
C LYS B 1195 -41.83 -22.98 0.18
N TYR B 1196 -41.65 -22.78 -1.12
CA TYR B 1196 -42.74 -22.29 -1.96
C TYR B 1196 -43.74 -23.38 -2.26
N ASN B 1197 -45.02 -23.04 -2.15
CA ASN B 1197 -46.11 -23.94 -2.53
C ASN B 1197 -47.33 -23.11 -2.88
N SER B 1198 -48.39 -23.78 -3.32
CA SER B 1198 -49.61 -23.08 -3.71
C SER B 1198 -50.26 -22.39 -2.52
N GLN B 1199 -50.30 -23.06 -1.37
CA GLN B 1199 -50.92 -22.46 -0.19
C GLN B 1199 -50.15 -21.25 0.30
N THR B 1200 -48.82 -21.35 0.34
CA THR B 1200 -47.97 -20.27 0.83
C THR B 1200 -47.51 -19.33 -0.28
N ALA B 1201 -48.19 -19.32 -1.43
CA ALA B 1201 -47.79 -18.45 -2.52
C ALA B 1201 -47.95 -16.98 -2.15
N LYS B 1202 -49.03 -16.64 -1.46
CA LYS B 1202 -49.28 -15.24 -1.10
C LYS B 1202 -48.23 -14.71 -0.12
N ASP B 1203 -47.83 -15.53 0.85
CA ASP B 1203 -46.93 -15.09 1.91
C ASP B 1203 -45.46 -15.19 1.50
N SER B 1204 -45.17 -15.69 0.30
CA SER B 1204 -43.80 -15.82 -0.15
C SER B 1204 -43.38 -14.56 -0.90
N ILE B 1205 -42.12 -14.54 -1.36
CA ILE B 1205 -41.59 -13.41 -2.10
C ILE B 1205 -41.55 -13.67 -3.60
N PHE B 1206 -41.97 -14.85 -4.05
CA PHE B 1206 -41.95 -15.20 -5.47
C PHE B 1206 -43.35 -15.13 -6.05
N GLU B 1207 -43.44 -14.67 -7.29
CA GLU B 1207 -44.69 -14.61 -8.02
C GLU B 1207 -44.50 -15.16 -9.43
N PRO B 1208 -45.54 -15.71 -10.03
CA PRO B 1208 -45.40 -16.22 -11.40
C PRO B 1208 -45.02 -15.11 -12.37
N ALA B 1209 -44.16 -15.45 -13.33
CA ALA B 1209 -43.69 -14.52 -14.33
C ALA B 1209 -44.45 -14.73 -15.64
N LYS B 1210 -44.05 -13.98 -16.66
CA LYS B 1210 -44.70 -14.11 -17.96
C LYS B 1210 -44.44 -15.47 -18.56
N GLY B 1211 -45.49 -16.07 -19.13
CA GLY B 1211 -45.40 -17.38 -19.73
C GLY B 1211 -45.61 -18.53 -18.79
N GLY B 1212 -45.51 -18.32 -17.48
CA GLY B 1212 -45.73 -19.36 -16.50
C GLY B 1212 -44.62 -20.40 -16.39
N GLU B 1213 -43.54 -20.26 -17.16
CA GLU B 1213 -42.45 -21.24 -17.10
C GLU B 1213 -41.58 -21.06 -15.87
N LYS B 1214 -41.38 -19.83 -15.41
CA LYS B 1214 -40.48 -19.53 -14.32
C LYS B 1214 -41.14 -18.61 -13.31
N LEU B 1215 -40.69 -18.70 -12.07
CA LEU B 1215 -41.07 -17.75 -11.04
C LEU B 1215 -40.21 -16.49 -11.14
N GLN B 1216 -40.60 -15.46 -10.40
CA GLN B 1216 -39.83 -14.23 -10.37
C GLN B 1216 -40.01 -13.55 -9.01
N ILE B 1217 -39.07 -12.66 -8.70
CA ILE B 1217 -39.15 -11.92 -7.45
C ILE B 1217 -40.26 -10.90 -7.53
N LYS B 1218 -40.94 -10.67 -6.40
CA LYS B 1218 -42.01 -9.69 -6.37
C LYS B 1218 -41.43 -8.27 -6.43
N LYS B 1219 -42.26 -7.34 -6.91
CA LYS B 1219 -41.80 -5.98 -7.14
C LYS B 1219 -41.44 -5.28 -5.83
N THR B 1220 -42.23 -5.50 -4.77
CA THR B 1220 -42.01 -4.76 -3.53
C THR B 1220 -40.74 -5.19 -2.81
N VAL B 1221 -40.45 -6.49 -2.81
CA VAL B 1221 -39.28 -7.01 -2.11
C VAL B 1221 -38.02 -6.70 -2.92
N SER B 1222 -36.98 -6.20 -2.25
CA SER B 1222 -35.73 -5.84 -2.88
C SER B 1222 -34.58 -6.37 -2.04
N PHE B 1223 -33.36 -6.28 -2.59
CA PHE B 1223 -32.16 -6.71 -1.91
C PHE B 1223 -31.12 -5.60 -1.96
N HIS B 1224 -30.31 -5.54 -0.90
CA HIS B 1224 -29.26 -4.54 -0.77
C HIS B 1224 -27.99 -5.21 -0.28
N LEU B 1225 -26.85 -4.59 -0.60
CA LEU B 1225 -25.55 -5.13 -0.23
C LEU B 1225 -24.78 -4.12 0.59
N TYR B 1226 -24.06 -4.61 1.60
CA TYR B 1226 -23.20 -3.79 2.45
C TYR B 1226 -21.83 -4.44 2.52
N ILE B 1227 -20.79 -3.65 2.26
CA ILE B 1227 -19.41 -4.11 2.40
C ILE B 1227 -18.68 -3.14 3.33
N SER B 1228 -17.92 -3.68 4.28
CA SER B 1228 -17.23 -2.84 5.25
C SER B 1228 -16.19 -1.96 4.59
N THR B 1229 -15.45 -2.51 3.62
CA THR B 1229 -14.45 -1.75 2.88
C THR B 1229 -14.72 -1.91 1.38
N ALA B 1230 -13.98 -1.16 0.58
CA ALA B 1230 -14.17 -1.19 -0.86
C ALA B 1230 -13.76 -2.55 -1.41
N PRO B 1231 -14.42 -3.02 -2.47
CA PRO B 1231 -13.96 -4.24 -3.13
C PRO B 1231 -12.60 -4.04 -3.77
N CYS B 1232 -11.82 -5.12 -3.83
CA CYS B 1232 -10.53 -5.04 -4.48
C CYS B 1232 -10.72 -4.86 -5.98
N GLY B 1233 -9.71 -4.29 -6.62
CA GLY B 1233 -9.81 -4.00 -8.05
C GLY B 1233 -10.03 -2.53 -8.30
N ASP B 1234 -10.92 -2.21 -9.22
CA ASP B 1234 -11.20 -0.85 -9.64
C ASP B 1234 -12.02 -0.05 -8.64
N GLY B 1235 -12.27 -0.51 -7.41
CA GLY B 1235 -13.05 0.28 -6.49
C GLY B 1235 -12.25 1.16 -5.55
N ALA B 1236 -10.93 1.04 -5.53
CA ALA B 1236 -10.09 1.84 -4.64
C ALA B 1236 -8.86 2.36 -5.37
N LEU B 1237 -9.02 2.71 -6.65
CA LEU B 1237 -7.94 3.30 -7.42
C LEU B 1237 -8.09 4.82 -7.45
N PHE B 1238 -7.84 5.45 -6.31
CA PHE B 1238 -7.94 6.90 -6.24
C PHE B 1238 -7.14 7.44 -5.06
N ASP B 1239 -6.84 8.72 -5.12
CA ASP B 1239 -6.02 9.45 -4.17
C ASP B 1239 -6.88 10.45 -3.41
N LYS B 1240 -6.23 11.21 -2.52
CA LYS B 1240 -6.94 12.27 -1.80
C LYS B 1240 -7.37 13.39 -2.72
N SER B 1241 -6.71 13.55 -3.87
CA SER B 1241 -7.13 14.57 -4.83
C SER B 1241 -8.53 14.26 -5.38
N CYS B 1242 -8.80 12.99 -5.67
CA CYS B 1242 -10.11 12.61 -6.18
C CYS B 1242 -11.08 12.34 -5.03
N ARG B 1253 -28.52 9.85 -10.29
CA ARG B 1253 -27.80 9.77 -11.55
C ARG B 1253 -26.35 9.39 -11.33
N HIS B 1254 -25.89 8.35 -12.03
CA HIS B 1254 -24.50 7.94 -11.93
C HIS B 1254 -23.58 8.98 -12.55
N TYR B 1255 -22.42 9.17 -11.94
CA TYR B 1255 -21.40 10.12 -12.42
C TYR B 1255 -20.05 9.43 -12.50
N PRO B 1256 -19.85 8.57 -13.50
CA PRO B 1256 -18.58 7.85 -13.60
C PRO B 1256 -17.43 8.78 -13.97
N VAL B 1257 -16.22 8.34 -13.66
CA VAL B 1257 -14.99 9.10 -13.90
C VAL B 1257 -14.06 8.26 -14.76
N PHE B 1258 -13.70 8.78 -15.93
CA PHE B 1258 -12.87 8.11 -16.92
C PHE B 1258 -11.74 9.03 -17.38
N GLU B 1259 -11.08 9.70 -16.43
CA GLU B 1259 -10.07 10.68 -16.80
C GLU B 1259 -8.77 10.08 -17.31
N ASN B 1260 -8.55 8.78 -17.16
CA ASN B 1260 -7.26 8.23 -17.59
C ASN B 1260 -7.48 6.99 -18.44
N PRO B 1261 -6.56 6.71 -19.38
CA PRO B 1261 -6.72 5.50 -20.20
C PRO B 1261 -6.68 4.21 -19.38
N LYS B 1262 -5.87 4.17 -18.32
CA LYS B 1262 -5.69 2.95 -17.55
C LYS B 1262 -6.93 2.56 -16.74
N GLN B 1263 -7.80 3.53 -16.45
CA GLN B 1263 -8.97 3.27 -15.64
C GLN B 1263 -9.95 2.35 -16.35
N GLY B 1264 -10.69 1.58 -15.55
CA GLY B 1264 -11.63 0.60 -16.06
C GLY B 1264 -11.08 -0.75 -16.44
N LYS B 1265 -9.83 -1.06 -16.14
CA LYS B 1265 -9.30 -2.33 -16.61
C LYS B 1265 -9.64 -3.44 -15.60
N LEU B 1266 -9.68 -4.67 -16.10
CA LEU B 1266 -9.86 -5.80 -15.21
C LEU B 1266 -8.60 -6.06 -14.38
N ARG B 1267 -8.81 -6.56 -13.16
CA ARG B 1267 -7.73 -6.90 -12.26
C ARG B 1267 -8.01 -8.25 -11.61
N THR B 1268 -6.97 -9.01 -11.35
CA THR B 1268 -7.10 -10.33 -10.75
C THR B 1268 -6.49 -10.33 -9.36
N LYS B 1269 -7.09 -11.11 -8.46
CA LYS B 1269 -6.57 -11.20 -7.10
C LYS B 1269 -5.19 -11.84 -7.07
N VAL B 1270 -4.32 -11.29 -6.24
CA VAL B 1270 -2.96 -11.78 -6.08
C VAL B 1270 -2.90 -12.64 -4.82
N GLU B 1271 -2.07 -13.68 -4.88
CA GLU B 1271 -1.89 -14.54 -3.72
C GLU B 1271 -1.03 -13.84 -2.66
N ASN B 1272 -1.33 -14.15 -1.40
CA ASN B 1272 -0.69 -13.50 -0.25
C ASN B 1272 -0.93 -11.98 -0.28
N GLY B 1273 -2.19 -11.61 -0.16
CA GLY B 1273 -2.54 -10.20 -0.07
C GLY B 1273 -4.00 -9.98 -0.41
N GLU B 1274 -4.47 -8.78 -0.04
CA GLU B 1274 -5.81 -8.34 -0.39
C GLU B 1274 -5.88 -7.59 -1.71
N GLY B 1275 -4.74 -7.30 -2.32
CA GLY B 1275 -4.70 -6.44 -3.50
C GLY B 1275 -4.94 -7.21 -4.79
N THR B 1276 -4.91 -6.46 -5.89
CA THR B 1276 -5.13 -7.01 -7.22
C THR B 1276 -4.13 -6.38 -8.18
N ILE B 1277 -3.82 -7.11 -9.24
CA ILE B 1277 -2.90 -6.63 -10.28
C ILE B 1277 -3.61 -6.67 -11.62
N PRO B 1278 -3.36 -5.71 -12.51
CA PRO B 1278 -4.01 -5.74 -13.83
C PRO B 1278 -3.58 -6.94 -14.64
N VAL B 1279 -4.48 -7.39 -15.51
CA VAL B 1279 -4.21 -8.53 -16.37
C VAL B 1279 -3.21 -8.16 -17.46
N LEU B 1297 -6.51 -20.38 -12.97
CA LEU B 1297 -5.72 -20.30 -11.75
C LEU B 1297 -5.65 -18.86 -11.24
N ARG B 1298 -6.35 -17.95 -11.93
CA ARG B 1298 -6.42 -16.55 -11.54
C ARG B 1298 -7.87 -16.19 -11.29
N THR B 1299 -8.13 -15.50 -10.18
CA THR B 1299 -9.47 -15.15 -9.75
C THR B 1299 -9.69 -13.65 -9.86
N MET B 1300 -10.64 -13.25 -10.73
CA MET B 1300 -10.94 -11.84 -10.94
C MET B 1300 -11.24 -11.10 -9.64
N SER B 1301 -11.10 -9.78 -9.66
CA SER B 1301 -11.26 -9.00 -8.45
C SER B 1301 -12.71 -8.99 -8.01
N CYS B 1302 -12.95 -8.46 -6.81
CA CYS B 1302 -14.31 -8.32 -6.31
C CYS B 1302 -15.11 -7.32 -7.13
N SER B 1303 -14.46 -6.25 -7.62
CA SER B 1303 -15.17 -5.25 -8.40
C SER B 1303 -15.67 -5.83 -9.72
N ASP B 1304 -14.85 -6.65 -10.39
CA ASP B 1304 -15.29 -7.25 -11.65
C ASP B 1304 -16.42 -8.23 -11.42
N LYS B 1305 -16.39 -8.97 -10.30
CA LYS B 1305 -17.48 -9.88 -10.00
C LYS B 1305 -18.75 -9.15 -9.63
N ILE B 1306 -18.63 -7.99 -8.96
CA ILE B 1306 -19.82 -7.19 -8.68
C ILE B 1306 -20.40 -6.64 -9.99
N LEU B 1307 -19.54 -6.28 -10.94
CA LEU B 1307 -20.02 -5.89 -12.27
C LEU B 1307 -20.76 -7.04 -12.94
N ARG B 1308 -20.19 -8.25 -12.85
CA ARG B 1308 -20.84 -9.42 -13.44
C ARG B 1308 -22.20 -9.67 -12.79
N TRP B 1309 -22.29 -9.43 -11.47
CA TRP B 1309 -23.58 -9.53 -10.79
C TRP B 1309 -24.56 -8.48 -11.29
N ASN B 1310 -24.08 -7.25 -11.51
CA ASN B 1310 -24.94 -6.16 -11.92
C ASN B 1310 -25.39 -6.30 -13.37
N VAL B 1311 -24.71 -7.13 -14.16
CA VAL B 1311 -25.11 -7.37 -15.54
C VAL B 1311 -25.94 -8.64 -15.68
N LEU B 1312 -25.44 -9.76 -15.16
CA LEU B 1312 -26.06 -11.07 -15.32
C LEU B 1312 -26.93 -11.49 -14.15
N GLY B 1313 -27.09 -10.64 -13.13
CA GLY B 1313 -27.91 -10.99 -11.98
C GLY B 1313 -27.12 -11.60 -10.86
N LEU B 1314 -27.81 -11.83 -9.74
CA LEU B 1314 -27.20 -12.40 -8.55
C LEU B 1314 -27.42 -13.90 -8.42
N GLN B 1315 -28.51 -14.41 -9.00
CA GLN B 1315 -28.92 -15.79 -8.76
C GLN B 1315 -28.00 -16.83 -9.37
N GLY B 1316 -27.15 -16.44 -10.33
CA GLY B 1316 -26.29 -17.40 -10.98
C GLY B 1316 -26.98 -18.18 -12.09
N ALA B 1317 -26.23 -19.11 -12.67
CA ALA B 1317 -26.73 -19.86 -13.82
C ALA B 1317 -27.80 -20.87 -13.42
N LEU B 1318 -27.58 -21.61 -12.33
CA LEU B 1318 -28.47 -22.70 -11.98
C LEU B 1318 -29.86 -22.19 -11.63
N LEU B 1319 -29.94 -21.12 -10.85
CA LEU B 1319 -31.25 -20.60 -10.44
C LEU B 1319 -32.01 -19.95 -11.59
N THR B 1320 -31.33 -19.65 -12.70
CA THR B 1320 -32.03 -19.14 -13.87
C THR B 1320 -33.05 -20.15 -14.38
N HIS B 1321 -32.77 -21.44 -14.23
CA HIS B 1321 -33.73 -22.47 -14.62
C HIS B 1321 -35.05 -22.34 -13.87
N PHE B 1322 -35.06 -21.67 -12.71
CA PHE B 1322 -36.27 -21.51 -11.92
C PHE B 1322 -36.58 -20.08 -11.56
N LEU B 1323 -35.79 -19.11 -12.00
CA LEU B 1323 -35.99 -17.72 -11.60
C LEU B 1323 -35.50 -16.77 -12.69
N GLN B 1324 -36.00 -15.55 -12.63
CA GLN B 1324 -35.50 -14.44 -13.42
C GLN B 1324 -34.33 -13.78 -12.69
N PRO B 1325 -33.44 -13.10 -13.41
CA PRO B 1325 -32.29 -12.47 -12.75
C PRO B 1325 -32.73 -11.47 -11.68
N ILE B 1326 -31.95 -11.41 -10.61
CA ILE B 1326 -32.20 -10.51 -9.49
C ILE B 1326 -31.00 -9.58 -9.34
N TYR B 1327 -31.26 -8.28 -9.21
CA TYR B 1327 -30.23 -7.26 -9.16
C TYR B 1327 -30.31 -6.50 -7.85
N LEU B 1328 -29.15 -6.10 -7.33
CA LEU B 1328 -29.10 -5.32 -6.10
C LEU B 1328 -29.78 -3.96 -6.30
N LYS B 1329 -30.60 -3.58 -5.31
CA LYS B 1329 -31.18 -2.25 -5.30
C LYS B 1329 -30.18 -1.18 -4.89
N SER B 1330 -29.24 -1.51 -4.00
CA SER B 1330 -28.29 -0.53 -3.51
C SER B 1330 -27.02 -1.23 -3.05
N VAL B 1331 -25.90 -0.51 -3.15
CA VAL B 1331 -24.60 -0.97 -2.66
C VAL B 1331 -24.10 0.05 -1.65
N THR B 1332 -23.78 -0.41 -0.44
CA THR B 1332 -23.34 0.45 0.65
C THR B 1332 -21.91 0.11 1.01
N LEU B 1333 -21.07 1.13 1.15
CA LEU B 1333 -19.67 0.97 1.52
C LEU B 1333 -19.39 1.63 2.86
N GLY B 1334 -18.59 0.96 3.68
CA GLY B 1334 -18.19 1.50 4.96
C GLY B 1334 -16.93 2.33 4.90
N TYR B 1335 -15.91 1.84 4.21
CA TYR B 1335 -14.65 2.57 4.05
C TYR B 1335 -14.19 2.49 2.60
N LEU B 1336 -13.35 3.46 2.23
CA LEU B 1336 -12.79 3.58 0.88
C LEU B 1336 -13.91 3.76 -0.15
N PHE B 1337 -14.65 4.86 0.00
CA PHE B 1337 -15.78 5.18 -0.86
C PHE B 1337 -15.49 6.38 -1.75
N SER B 1338 -15.38 6.13 -3.05
CA SER B 1338 -15.31 7.19 -4.04
C SER B 1338 -16.49 6.98 -4.99
N GLN B 1339 -17.28 8.03 -5.20
CA GLN B 1339 -18.43 7.93 -6.09
C GLN B 1339 -18.02 7.64 -7.53
N GLY B 1340 -17.02 8.36 -8.03
CA GLY B 1340 -16.65 8.20 -9.43
C GLY B 1340 -16.13 6.81 -9.75
N HIS B 1341 -15.28 6.28 -8.89
CA HIS B 1341 -14.60 5.04 -9.24
C HIS B 1341 -15.37 3.82 -8.80
N LEU B 1342 -16.32 3.99 -7.88
CA LEU B 1342 -17.19 2.86 -7.57
C LEU B 1342 -18.27 2.72 -8.64
N THR B 1343 -18.91 3.82 -9.02
CA THR B 1343 -19.92 3.69 -10.08
C THR B 1343 -19.27 3.28 -11.40
N ARG B 1344 -18.06 3.76 -11.70
CA ARG B 1344 -17.38 3.25 -12.88
C ARG B 1344 -17.04 1.76 -12.72
N ALA B 1345 -16.65 1.34 -11.52
CA ALA B 1345 -16.15 -0.02 -11.35
C ALA B 1345 -17.26 -1.06 -11.44
N ILE B 1346 -18.42 -0.79 -10.85
CA ILE B 1346 -19.43 -1.82 -10.67
C ILE B 1346 -20.49 -1.79 -11.78
N CYS B 1347 -20.89 -0.61 -12.24
CA CYS B 1347 -21.96 -0.53 -13.23
C CYS B 1347 -21.56 0.18 -14.52
N CYS B 1348 -20.94 1.35 -14.42
CA CYS B 1348 -20.85 2.26 -15.56
C CYS B 1348 -19.69 1.96 -16.50
N ARG B 1349 -18.83 0.98 -16.19
CA ARG B 1349 -17.69 0.72 -17.07
C ARG B 1349 -18.12 0.19 -18.43
N VAL B 1350 -19.35 -0.28 -18.58
CA VAL B 1350 -19.87 -0.75 -19.86
C VAL B 1350 -20.78 0.29 -20.51
N THR B 1351 -20.78 1.52 -20.02
CA THR B 1351 -21.58 2.61 -20.59
C THR B 1351 -20.69 3.80 -20.94
N ARG B 1352 -19.38 3.57 -21.03
CA ARG B 1352 -18.47 4.68 -21.34
C ARG B 1352 -18.65 5.19 -22.76
N ASP B 1353 -18.79 4.29 -23.73
CA ASP B 1353 -18.87 4.65 -25.14
C ASP B 1353 -20.30 4.66 -25.66
N GLY B 1354 -21.25 5.07 -24.84
CA GLY B 1354 -22.63 5.17 -25.30
C GLY B 1354 -23.44 3.95 -24.94
N SER B 1355 -24.64 3.89 -25.52
CA SER B 1355 -25.62 2.84 -25.24
C SER B 1355 -25.59 1.76 -26.32
N ALA B 1356 -24.41 1.44 -26.84
CA ALA B 1356 -24.25 0.39 -27.83
C ALA B 1356 -24.15 -1.01 -27.21
N PHE B 1357 -24.15 -1.10 -25.89
CA PHE B 1357 -24.08 -2.38 -25.18
C PHE B 1357 -25.44 -2.88 -24.71
N GLU B 1358 -26.29 -1.98 -24.23
CA GLU B 1358 -27.59 -2.37 -23.70
C GLU B 1358 -28.51 -2.93 -24.78
N ASP B 1359 -28.47 -2.36 -25.99
CA ASP B 1359 -29.37 -2.80 -27.05
C ASP B 1359 -29.12 -4.26 -27.43
N GLY B 1360 -27.86 -4.68 -27.39
CA GLY B 1360 -27.53 -6.05 -27.70
C GLY B 1360 -27.77 -7.05 -26.59
N LEU B 1361 -28.23 -6.58 -25.43
CA LEU B 1361 -28.50 -7.46 -24.29
C LEU B 1361 -29.93 -7.99 -24.39
N ARG B 1362 -30.05 -9.29 -24.60
CA ARG B 1362 -31.37 -9.91 -24.70
C ARG B 1362 -32.07 -9.87 -23.35
N HIS B 1363 -33.38 -9.65 -23.39
CA HIS B 1363 -34.17 -9.60 -22.18
C HIS B 1363 -34.19 -10.97 -21.52
N PRO B 1364 -34.36 -11.05 -20.19
CA PRO B 1364 -34.60 -9.96 -19.23
C PRO B 1364 -33.32 -9.35 -18.65
N PHE B 1365 -32.13 -9.76 -19.11
CA PHE B 1365 -30.90 -9.21 -18.58
C PHE B 1365 -30.76 -7.73 -18.92
N ILE B 1366 -30.42 -6.93 -17.91
CA ILE B 1366 -30.25 -5.48 -18.07
C ILE B 1366 -28.96 -5.05 -17.38
N VAL B 1367 -28.49 -3.87 -17.74
CA VAL B 1367 -27.30 -3.27 -17.12
C VAL B 1367 -27.78 -2.48 -15.92
N ASN B 1368 -27.89 -3.16 -14.78
CA ASN B 1368 -28.39 -2.52 -13.57
C ASN B 1368 -27.44 -1.41 -13.10
N HIS B 1369 -28.02 -0.36 -12.53
CA HIS B 1369 -27.29 0.78 -11.99
C HIS B 1369 -27.73 1.03 -10.56
N PRO B 1370 -27.30 0.18 -9.62
CA PRO B 1370 -27.79 0.31 -8.25
C PRO B 1370 -27.37 1.61 -7.59
N LYS B 1371 -28.20 2.09 -6.67
CA LYS B 1371 -27.88 3.30 -5.92
C LYS B 1371 -26.68 3.03 -5.03
N VAL B 1372 -25.70 3.94 -5.07
CA VAL B 1372 -24.43 3.76 -4.37
C VAL B 1372 -24.32 4.79 -3.26
N GLY B 1373 -24.02 4.32 -2.04
CA GLY B 1373 -23.98 5.20 -0.88
C GLY B 1373 -22.87 4.82 0.08
N ARG B 1374 -22.68 5.67 1.08
CA ARG B 1374 -21.64 5.49 2.08
C ARG B 1374 -22.21 5.75 3.47
N VAL B 1375 -21.57 5.16 4.49
CA VAL B 1375 -21.98 5.34 5.87
C VAL B 1375 -21.59 6.74 6.32
N SER B 1376 -22.47 7.39 7.09
CA SER B 1376 -22.30 8.80 7.40
C SER B 1376 -21.01 9.06 8.18
N ILE B 1377 -20.83 8.38 9.31
CA ILE B 1377 -19.67 8.61 10.17
C ILE B 1377 -18.77 7.38 10.10
N TYR B 1378 -17.46 7.62 10.10
CA TYR B 1378 -16.51 6.54 9.91
C TYR B 1378 -15.35 6.69 10.90
N ASP B 1379 -14.72 5.56 11.22
CA ASP B 1379 -13.52 5.59 12.04
C ASP B 1379 -12.40 6.30 11.29
N SER B 1380 -11.65 7.14 11.99
CA SER B 1380 -10.65 7.96 11.28
C SER B 1380 -9.43 7.11 10.95
N LYS B 1381 -8.62 6.82 11.96
CA LYS B 1381 -7.43 5.99 11.82
C LYS B 1381 -7.70 4.74 11.00
N ARG B 1382 -7.05 4.59 9.85
CA ARG B 1382 -7.19 3.35 9.12
C ARG B 1382 -6.68 2.21 9.99
N GLN B 1383 -7.32 1.05 9.90
CA GLN B 1383 -7.00 -0.06 10.78
C GLN B 1383 -6.00 -0.97 10.07
N SER B 1384 -4.80 -1.06 10.63
CA SER B 1384 -3.74 -1.89 10.08
C SER B 1384 -3.54 -3.16 10.88
N GLY B 1385 -4.43 -3.42 11.84
CA GLY B 1385 -4.24 -4.56 12.72
C GLY B 1385 -4.31 -5.87 11.96
N LYS B 1386 -3.44 -6.80 12.34
CA LYS B 1386 -3.34 -8.04 11.58
C LYS B 1386 -4.66 -8.79 11.66
N THR B 1387 -5.05 -9.42 10.55
CA THR B 1387 -6.36 -10.01 10.42
C THR B 1387 -6.22 -11.51 10.17
N LYS B 1388 -6.97 -12.30 10.93
CA LYS B 1388 -6.96 -13.75 10.78
C LYS B 1388 -7.60 -14.14 9.44
N GLU B 1389 -7.14 -15.27 8.91
CA GLU B 1389 -7.61 -15.77 7.63
C GLU B 1389 -8.81 -16.70 7.77
N THR B 1390 -9.53 -16.63 8.88
CA THR B 1390 -10.77 -17.37 9.01
C THR B 1390 -11.92 -16.62 8.34
N SER B 1391 -12.85 -17.37 7.77
CA SER B 1391 -14.00 -16.81 7.08
C SER B 1391 -15.28 -17.38 7.67
N VAL B 1392 -16.17 -16.48 8.11
CA VAL B 1392 -17.44 -16.86 8.73
C VAL B 1392 -18.55 -16.59 7.74
N ASN B 1393 -19.40 -17.60 7.51
CA ASN B 1393 -20.52 -17.47 6.59
C ASN B 1393 -21.80 -17.96 7.25
N TRP B 1394 -22.92 -17.35 6.87
CA TRP B 1394 -24.21 -17.66 7.46
C TRP B 1394 -25.32 -17.23 6.51
N CYS B 1395 -26.43 -17.97 6.55
CA CYS B 1395 -27.63 -17.63 5.81
C CYS B 1395 -28.82 -17.66 6.75
N LEU B 1396 -29.89 -16.97 6.35
CA LEU B 1396 -31.04 -16.79 7.23
C LEU B 1396 -31.71 -18.11 7.57
N ALA B 1397 -31.54 -19.14 6.76
CA ALA B 1397 -32.19 -20.42 6.98
C ALA B 1397 -31.39 -21.36 7.87
N ASP B 1398 -30.26 -20.90 8.42
CA ASP B 1398 -29.40 -21.74 9.23
C ASP B 1398 -29.50 -21.46 10.72
N GLY B 1399 -30.35 -20.53 11.13
CA GLY B 1399 -30.53 -20.24 12.55
C GLY B 1399 -29.31 -19.64 13.21
N TYR B 1400 -28.64 -20.43 14.05
CA TYR B 1400 -27.50 -19.98 14.85
C TYR B 1400 -26.34 -20.96 14.71
N ASP B 1401 -26.00 -21.32 13.48
CA ASP B 1401 -24.91 -22.26 13.22
C ASP B 1401 -24.00 -21.61 12.18
N LEU B 1402 -23.04 -20.83 12.65
CA LEU B 1402 -22.04 -20.25 11.76
C LEU B 1402 -21.06 -21.33 11.30
N GLU B 1403 -20.48 -21.12 10.13
CA GLU B 1403 -19.43 -21.99 9.59
C GLU B 1403 -18.14 -21.19 9.44
N ILE B 1404 -17.02 -21.78 9.83
CA ILE B 1404 -15.72 -21.13 9.78
C ILE B 1404 -14.83 -21.87 8.79
N LEU B 1405 -14.29 -21.12 7.82
CA LEU B 1405 -13.34 -21.63 6.85
C LEU B 1405 -12.05 -20.85 6.94
N ASP B 1406 -10.98 -21.43 6.38
CA ASP B 1406 -9.70 -20.75 6.24
C ASP B 1406 -9.48 -20.43 4.76
N GLY B 1407 -9.27 -19.15 4.47
CA GLY B 1407 -9.14 -18.71 3.08
C GLY B 1407 -7.94 -19.25 2.36
N THR B 1408 -6.89 -19.64 3.09
CA THR B 1408 -5.69 -20.18 2.44
C THR B 1408 -5.98 -21.49 1.71
N ARG B 1409 -6.90 -22.30 2.23
CA ARG B 1409 -7.25 -23.57 1.61
C ARG B 1409 -8.69 -23.61 1.14
N GLY B 1410 -9.65 -23.22 1.99
CA GLY B 1410 -11.04 -23.22 1.60
C GLY B 1410 -11.83 -24.39 2.13
N THR B 1411 -11.64 -24.73 3.41
CA THR B 1411 -12.36 -25.82 4.04
C THR B 1411 -12.71 -25.42 5.47
N VAL B 1412 -13.62 -26.17 6.07
CA VAL B 1412 -14.04 -25.90 7.44
C VAL B 1412 -12.87 -26.08 8.39
N ASP B 1413 -12.69 -25.13 9.30
CA ASP B 1413 -11.60 -25.15 10.26
C ASP B 1413 -11.78 -26.32 11.21
N GLY B 1414 -10.96 -27.36 11.04
CA GLY B 1414 -11.04 -28.55 11.85
C GLY B 1414 -10.13 -29.64 11.34
N PRO B 1415 -9.67 -30.51 12.25
CA PRO B 1415 -8.77 -31.60 11.81
C PRO B 1415 -9.40 -32.54 10.82
N ARG B 1416 -10.72 -32.75 10.89
CA ARG B 1416 -11.37 -33.65 9.95
C ARG B 1416 -11.49 -33.07 8.55
N ASN B 1417 -11.30 -31.75 8.41
CA ASN B 1417 -11.38 -31.05 7.11
C ASN B 1417 -12.74 -31.29 6.45
N GLU B 1418 -13.78 -30.80 7.13
CA GLU B 1418 -15.15 -30.98 6.66
C GLU B 1418 -15.38 -30.20 5.37
N LEU B 1419 -16.33 -30.68 4.58
CA LEU B 1419 -16.71 -29.99 3.35
C LEU B 1419 -17.56 -28.78 3.70
N SER B 1420 -17.23 -27.64 3.12
CA SER B 1420 -17.96 -26.41 3.38
C SER B 1420 -19.40 -26.51 2.86
N ARG B 1421 -20.31 -25.81 3.52
CA ARG B 1421 -21.71 -25.81 3.13
C ARG B 1421 -22.00 -24.82 2.00
N VAL B 1422 -21.04 -23.96 1.66
CA VAL B 1422 -21.18 -23.06 0.52
C VAL B 1422 -20.36 -23.54 -0.67
N SER B 1423 -19.87 -24.76 -0.63
CA SER B 1423 -19.07 -25.33 -1.70
C SER B 1423 -19.96 -25.72 -2.89
N LYS B 1424 -19.31 -26.09 -3.99
CA LYS B 1424 -20.03 -26.46 -5.20
C LYS B 1424 -20.86 -27.72 -5.00
N LYS B 1425 -20.35 -28.69 -4.23
CA LYS B 1425 -21.07 -29.95 -4.04
C LYS B 1425 -22.41 -29.72 -3.33
N ASN B 1426 -22.41 -28.91 -2.27
CA ASN B 1426 -23.65 -28.67 -1.55
C ASN B 1426 -24.65 -27.90 -2.40
N ILE B 1427 -24.18 -26.92 -3.17
CA ILE B 1427 -25.07 -26.17 -4.05
C ILE B 1427 -25.67 -27.08 -5.12
N PHE B 1428 -24.86 -27.98 -5.68
CA PHE B 1428 -25.38 -28.91 -6.68
C PHE B 1428 -26.39 -29.87 -6.08
N LEU B 1429 -26.15 -30.32 -4.83
CA LEU B 1429 -27.13 -31.17 -4.17
C LEU B 1429 -28.44 -30.41 -3.96
N LEU B 1430 -28.34 -29.17 -3.47
CA LEU B 1430 -29.53 -28.37 -3.20
C LEU B 1430 -30.34 -28.15 -4.48
N PHE B 1431 -29.66 -27.86 -5.59
CA PHE B 1431 -30.36 -27.73 -6.87
C PHE B 1431 -30.97 -29.06 -7.31
N LYS B 1432 -30.26 -30.17 -7.15
CA LYS B 1432 -30.82 -31.44 -7.61
C LYS B 1432 -32.02 -31.84 -6.77
N LYS B 1433 -32.07 -31.38 -5.52
CA LYS B 1433 -33.25 -31.58 -4.68
C LYS B 1433 -34.39 -30.67 -5.13
N LEU B 1434 -34.08 -29.43 -5.48
CA LEU B 1434 -35.13 -28.55 -6.01
C LEU B 1434 -35.72 -29.13 -7.29
N CYS B 1435 -34.87 -29.65 -8.17
CA CYS B 1435 -35.33 -30.24 -9.42
C CYS B 1435 -36.17 -31.48 -9.17
N SER B 1436 -35.77 -32.31 -8.20
CA SER B 1436 -36.58 -33.48 -7.86
C SER B 1436 -37.93 -33.06 -7.30
N PHE B 1437 -37.94 -32.01 -6.48
CA PHE B 1437 -39.20 -31.52 -5.92
C PHE B 1437 -40.09 -30.90 -6.99
N ARG B 1438 -39.50 -30.33 -8.03
CA ARG B 1438 -40.25 -29.63 -9.07
C ARG B 1438 -40.63 -30.55 -10.23
N TYR B 1439 -40.38 -31.86 -10.11
CA TYR B 1439 -40.73 -32.85 -11.12
C TYR B 1439 -40.03 -32.61 -12.46
N ARG B 1440 -38.90 -31.89 -12.44
CA ARG B 1440 -38.13 -31.61 -13.65
C ARG B 1440 -37.02 -32.63 -13.76
N ARG B 1441 -37.40 -33.86 -14.16
CA ARG B 1441 -36.43 -34.94 -14.30
C ARG B 1441 -35.45 -34.70 -15.44
N ASP B 1442 -35.73 -33.74 -16.33
CA ASP B 1442 -34.81 -33.46 -17.44
C ASP B 1442 -33.47 -32.96 -16.92
N LEU B 1443 -33.48 -32.10 -15.91
CA LEU B 1443 -32.25 -31.50 -15.40
C LEU B 1443 -31.48 -32.42 -14.46
N LEU B 1444 -32.09 -33.51 -14.01
CA LEU B 1444 -31.39 -34.42 -13.10
C LEU B 1444 -30.21 -35.09 -13.79
N ARG B 1445 -30.38 -35.51 -15.04
CA ARG B 1445 -29.35 -36.28 -15.73
C ARG B 1445 -28.14 -35.42 -16.07
N LEU B 1446 -28.29 -34.09 -16.07
CA LEU B 1446 -27.19 -33.22 -16.41
C LEU B 1446 -26.24 -33.05 -15.24
N SER B 1447 -24.94 -33.06 -15.53
CA SER B 1447 -23.91 -32.79 -14.53
C SER B 1447 -23.84 -31.29 -14.27
N TYR B 1448 -22.86 -30.86 -13.47
CA TYR B 1448 -22.74 -29.45 -13.14
C TYR B 1448 -22.49 -28.62 -14.38
N GLY B 1449 -21.54 -29.04 -15.22
CA GLY B 1449 -21.28 -28.32 -16.45
C GLY B 1449 -22.43 -28.36 -17.43
N GLU B 1450 -23.05 -29.54 -17.59
CA GLU B 1450 -24.17 -29.68 -18.51
C GLU B 1450 -25.37 -28.86 -18.04
N ALA B 1451 -25.66 -28.90 -16.73
CA ALA B 1451 -26.77 -28.11 -16.21
C ALA B 1451 -26.48 -26.62 -16.29
N LYS B 1452 -25.24 -26.22 -16.06
CA LYS B 1452 -24.89 -24.81 -16.16
C LYS B 1452 -25.02 -24.31 -17.60
N LYS B 1453 -24.59 -25.12 -18.56
CA LYS B 1453 -24.72 -24.77 -19.97
C LYS B 1453 -26.14 -24.99 -20.50
N ALA B 1454 -27.01 -25.66 -19.73
CA ALA B 1454 -28.38 -25.85 -20.17
C ALA B 1454 -29.14 -24.54 -20.25
N ALA B 1455 -28.84 -23.59 -19.36
CA ALA B 1455 -29.49 -22.29 -19.41
C ALA B 1455 -28.94 -21.49 -20.59
N ARG B 1456 -29.60 -21.62 -21.74
CA ARG B 1456 -29.08 -21.00 -22.96
C ARG B 1456 -29.08 -19.47 -22.86
N ASP B 1457 -30.15 -18.90 -22.32
CA ASP B 1457 -30.25 -17.45 -22.25
C ASP B 1457 -29.14 -16.86 -21.38
N TYR B 1458 -28.93 -17.44 -20.20
CA TYR B 1458 -27.93 -16.91 -19.28
C TYR B 1458 -26.53 -17.05 -19.87
N GLU B 1459 -26.22 -18.19 -20.48
CA GLU B 1459 -24.89 -18.38 -21.03
C GLU B 1459 -24.63 -17.48 -22.23
N THR B 1460 -25.67 -17.23 -23.04
CA THR B 1460 -25.52 -16.27 -24.14
C THR B 1460 -25.29 -14.87 -23.62
N ALA B 1461 -26.03 -14.46 -22.58
CA ALA B 1461 -25.81 -13.15 -21.99
C ALA B 1461 -24.41 -13.04 -21.40
N LYS B 1462 -23.93 -14.12 -20.77
CA LYS B 1462 -22.59 -14.11 -20.19
C LYS B 1462 -21.52 -13.96 -21.27
N ASN B 1463 -21.67 -14.72 -22.36
CA ASN B 1463 -20.71 -14.63 -23.46
C ASN B 1463 -20.73 -13.24 -24.10
N TYR B 1464 -21.93 -12.68 -24.28
CA TYR B 1464 -22.04 -11.34 -24.85
C TYR B 1464 -21.39 -10.30 -23.95
N PHE B 1465 -21.58 -10.41 -22.63
CA PHE B 1465 -20.98 -9.47 -21.70
C PHE B 1465 -19.46 -9.60 -21.71
N LYS B 1466 -18.94 -10.82 -21.76
CA LYS B 1466 -17.49 -11.03 -21.85
C LYS B 1466 -16.94 -10.43 -23.13
N LYS B 1467 -17.62 -10.64 -24.26
CA LYS B 1467 -17.16 -10.10 -25.53
C LYS B 1467 -17.21 -8.58 -25.53
N GLY B 1468 -18.25 -7.99 -24.93
CA GLY B 1468 -18.32 -6.55 -24.82
C GLY B 1468 -17.22 -5.97 -23.96
N LEU B 1469 -16.84 -6.70 -22.90
CA LEU B 1469 -15.70 -6.25 -22.10
C LEU B 1469 -14.40 -6.33 -22.89
N LYS B 1470 -14.20 -7.42 -23.63
CA LYS B 1470 -12.99 -7.56 -24.43
C LYS B 1470 -12.92 -6.55 -25.56
N ASP B 1471 -14.08 -6.11 -26.09
CA ASP B 1471 -14.08 -5.19 -27.22
C ASP B 1471 -13.57 -3.82 -26.80
N MET B 1472 -14.09 -3.28 -25.70
CA MET B 1472 -13.78 -1.93 -25.29
C MET B 1472 -12.35 -1.77 -24.76
N GLY B 1473 -11.54 -2.84 -24.78
CA GLY B 1473 -10.18 -2.77 -24.29
C GLY B 1473 -9.98 -2.96 -22.80
N TYR B 1474 -10.46 -4.08 -22.26
CA TYR B 1474 -10.33 -4.35 -20.84
C TYR B 1474 -9.63 -5.68 -20.55
N GLY B 1475 -9.15 -6.38 -21.56
CA GLY B 1475 -8.49 -7.65 -21.39
C GLY B 1475 -9.47 -8.81 -21.31
N ASN B 1476 -8.93 -10.01 -21.50
CA ASN B 1476 -9.73 -11.22 -21.58
C ASN B 1476 -10.07 -11.74 -20.18
N TRP B 1477 -11.37 -11.94 -19.93
CA TRP B 1477 -11.80 -12.58 -18.70
C TRP B 1477 -11.37 -14.04 -18.68
N ILE B 1478 -10.74 -14.46 -17.59
CA ILE B 1478 -10.21 -15.82 -17.47
C ILE B 1478 -11.30 -16.72 -16.90
N SER B 1479 -11.46 -17.90 -17.49
CA SER B 1479 -12.39 -18.91 -17.02
C SER B 1479 -11.63 -20.19 -16.73
N LYS B 1480 -11.97 -20.83 -15.61
CA LYS B 1480 -11.28 -22.06 -15.22
C LYS B 1480 -11.60 -23.18 -16.19
N PRO B 1481 -10.71 -24.17 -16.31
CA PRO B 1481 -10.98 -25.30 -17.21
C PRO B 1481 -12.26 -26.03 -16.85
N GLN B 1482 -12.96 -26.51 -17.88
CA GLN B 1482 -14.26 -27.14 -17.68
C GLN B 1482 -14.17 -28.45 -16.91
N GLU B 1483 -12.97 -29.03 -16.79
CA GLU B 1483 -12.81 -30.27 -16.04
C GLU B 1483 -13.18 -30.09 -14.58
N GLU B 1484 -13.05 -28.86 -14.05
CA GLU B 1484 -13.45 -28.60 -12.67
C GLU B 1484 -14.96 -28.76 -12.49
N LYS B 1485 -15.74 -28.29 -13.46
CA LYS B 1485 -17.19 -28.33 -13.39
C LYS B 1485 -17.76 -29.62 -13.98
N ASN B 1486 -16.92 -30.50 -14.49
CA ASN B 1486 -17.38 -31.77 -15.07
C ASN B 1486 -17.32 -32.89 -14.03
N PHE B 1487 -18.07 -32.70 -12.95
CA PHE B 1487 -18.16 -33.67 -11.88
C PHE B 1487 -19.61 -34.09 -11.67
N TYR B 1488 -19.81 -35.39 -11.44
CA TYR B 1488 -21.13 -35.96 -11.22
C TYR B 1488 -21.32 -36.26 -9.74
N LEU B 1489 -22.45 -35.84 -9.19
CA LEU B 1489 -22.75 -36.07 -7.79
C LEU B 1489 -22.95 -37.56 -7.53
N CYS B 1490 -22.44 -38.01 -6.38
CA CYS B 1490 -22.56 -39.40 -5.99
C CYS B 1490 -23.87 -39.68 -5.27
#